data_6GRT
#
_entry.id   6GRT
#
_cell.length_a   67.254
_cell.length_b   127.103
_cell.length_c   144.080
_cell.angle_alpha   90.00
_cell.angle_beta   103.43
_cell.angle_gamma   90.00
#
_symmetry.space_group_name_H-M   'P 1 21 1'
#
loop_
_entity.id
_entity.type
_entity.pdbx_description
1 polymer 'Paired immunoglobulin-like receptor B'
2 branched beta-D-mannopyranose-(1-4)-2-acetamido-2-deoxy-beta-D-glucopyranose-(1-4)-2-acetamido-2-deoxy-beta-D-glucopyranose
3 branched alpha-D-mannopyranose-(1-3)-[alpha-D-mannopyranose-(1-6)]beta-D-mannopyranose-(1-4)-2-acetamido-2-deoxy-beta-D-glucopyranose-(1-4)-2-acetamido-2-deoxy-beta-D-glucopyranose
4 non-polymer 2-acetamido-2-deoxy-beta-D-glucopyranose
#
_entity_poly.entity_id   1
_entity_poly.type   'polypeptide(L)'
_entity_poly.pdbx_seq_one_letter_code
;GSSLPKPILRVQPDSVVSRWTKVTFFCEETIGANEYRLYKDGKLYKTVTKNKQKPANKAEFSLSNVDLSNAGQYECSYST
QYKSSGYSDPLKLVVTGHYWTPSLLAQASPVVTSGGYVTLQCESWHNDHKFILTVEGPQKLSWTQDSQYNYSTRKYHALF
SVGPVTPNQRWICRCYSYDRNRPYVWSPPSESVELLVSGNLQKPTIKAEPGSVITSKRAMTIWCQGNLDAEVYFLHNEGS
QKTQSTQTLQQPGNKGKFFIPSMTRQHAGQYRCYCYGSAGWSQPSDTLELVVTGIYEHYKPRLSVLPSPVVTAGGNMTLH
CASDFHYDKFILTKEDKKFGNSLDTEHISSSRQYRALFIIGPTTPTHTGTFRCYGYFKNAPQLWSVPSDLQQILISGLSK
KPSLLTHQGHILDPGMTLTLQCYSDINYDRFALHKVGGADIMQHSSQQTDTGFSVANFTLGYVSSSTGGQYRCYGAHNLS
SEWSASSEPLDILITGQLPLTPSLSVKPNHTVHSGETVSLLCWSMDSVDTFILSKEGSAQQPLRLKSKSHDQQSQAEFSM
SAVTSHLSGTYRCYGAQNSSFYLLSSASAPVELTVSGAAAHHHHHH
;
_entity_poly.pdbx_strand_id   A,B
#
# COMPACT_ATOMS: atom_id res chain seq x y z
N SER A 3 -22.42 -36.05 -61.49
CA SER A 3 -21.95 -37.40 -61.79
C SER A 3 -20.76 -37.77 -60.91
N LEU A 4 -19.86 -36.81 -60.70
CA LEU A 4 -18.66 -36.98 -59.91
C LEU A 4 -18.66 -35.98 -58.75
N PRO A 5 -17.83 -36.21 -57.72
CA PRO A 5 -17.77 -35.26 -56.61
C PRO A 5 -17.37 -33.86 -57.09
N LYS A 6 -18.16 -32.87 -56.69
CA LYS A 6 -17.93 -31.50 -57.11
C LYS A 6 -16.58 -31.00 -56.59
N PRO A 7 -15.78 -30.35 -57.42
CA PRO A 7 -14.47 -29.88 -56.97
C PRO A 7 -14.58 -28.67 -56.06
N ILE A 8 -13.44 -28.24 -55.52
CA ILE A 8 -13.38 -27.12 -54.59
C ILE A 8 -12.47 -26.05 -55.18
N LEU A 9 -12.85 -24.78 -54.99
CA LEU A 9 -12.12 -23.65 -55.54
C LEU A 9 -11.51 -22.84 -54.40
N ARG A 10 -10.19 -22.71 -54.42
CA ARG A 10 -9.45 -21.94 -53.41
C ARG A 10 -8.66 -20.84 -54.12
N VAL A 11 -8.41 -19.75 -53.42
CA VAL A 11 -7.66 -18.62 -53.98
C VAL A 11 -6.62 -18.17 -52.96
N GLN A 12 -5.45 -17.77 -53.45
CA GLN A 12 -4.44 -17.16 -52.60
C GLN A 12 -3.86 -15.95 -53.29
N PRO A 13 -3.90 -14.75 -52.66
CA PRO A 13 -4.54 -14.53 -51.35
C PRO A 13 -6.07 -14.44 -51.41
N ASP A 14 -6.67 -13.65 -50.53
CA ASP A 14 -8.13 -13.61 -50.42
C ASP A 14 -8.76 -13.06 -51.69
N SER A 15 -10.10 -13.10 -51.72
CA SER A 15 -10.84 -12.84 -52.95
C SER A 15 -10.73 -11.39 -53.42
N VAL A 16 -10.46 -10.45 -52.53
CA VAL A 16 -10.32 -9.04 -52.88
C VAL A 16 -8.83 -8.74 -52.97
N VAL A 17 -8.37 -8.42 -54.17
CA VAL A 17 -6.95 -8.22 -54.44
C VAL A 17 -6.75 -6.85 -55.09
N SER A 18 -5.67 -6.18 -54.74
CA SER A 18 -5.34 -4.90 -55.33
C SER A 18 -4.81 -5.10 -56.75
N ARG A 19 -4.71 -3.99 -57.48
CA ARG A 19 -4.24 -4.04 -58.86
C ARG A 19 -2.74 -4.30 -58.92
N TRP A 20 -2.32 -4.98 -60.00
CA TRP A 20 -0.91 -5.27 -60.25
C TRP A 20 -0.30 -6.14 -59.16
N THR A 21 -1.04 -7.16 -58.73
CA THR A 21 -0.56 -8.11 -57.73
C THR A 21 -0.86 -9.53 -58.21
N LYS A 22 0.05 -10.45 -57.88
CA LYS A 22 -0.05 -11.82 -58.36
C LYS A 22 -1.01 -12.63 -57.50
N VAL A 23 -1.87 -13.42 -58.16
CA VAL A 23 -2.87 -14.24 -57.48
C VAL A 23 -2.87 -15.63 -58.11
N THR A 24 -3.24 -16.62 -57.31
CA THR A 24 -3.24 -18.02 -57.74
C THR A 24 -4.53 -18.70 -57.33
N PHE A 25 -5.27 -19.21 -58.32
CA PHE A 25 -6.38 -20.11 -58.09
C PHE A 25 -5.89 -21.54 -57.95
N PHE A 26 -6.60 -22.31 -57.13
CA PHE A 26 -6.34 -23.73 -56.92
C PHE A 26 -7.64 -24.49 -57.06
N CYS A 27 -7.64 -25.50 -57.93
CA CYS A 27 -8.75 -26.43 -58.06
C CYS A 27 -8.40 -27.71 -57.33
N GLU A 28 -9.26 -28.11 -56.39
CA GLU A 28 -8.98 -29.17 -55.43
C GLU A 28 -9.95 -30.33 -55.60
N GLU A 29 -9.40 -31.52 -55.77
CA GLU A 29 -10.14 -32.78 -55.70
C GLU A 29 -9.10 -33.89 -55.59
N THR A 30 -9.58 -35.10 -55.27
CA THR A 30 -8.71 -36.26 -55.18
C THR A 30 -9.25 -37.46 -55.97
N ILE A 31 -10.23 -37.24 -56.85
CA ILE A 31 -10.83 -38.33 -57.62
C ILE A 31 -9.94 -38.66 -58.81
N GLY A 32 -9.89 -37.74 -59.78
CA GLY A 32 -9.10 -37.95 -60.98
C GLY A 32 -8.62 -36.62 -61.52
N ALA A 33 -7.78 -36.71 -62.55
CA ALA A 33 -7.19 -35.51 -63.15
C ALA A 33 -6.97 -35.73 -64.64
N ASN A 34 -8.05 -35.94 -65.39
CA ASN A 34 -7.94 -35.96 -66.84
C ASN A 34 -7.85 -34.53 -67.39
N GLU A 35 -8.71 -33.62 -66.92
CA GLU A 35 -8.50 -32.23 -67.27
C GLU A 35 -9.24 -31.31 -66.30
N TYR A 36 -8.69 -30.11 -66.12
CA TYR A 36 -9.29 -29.06 -65.30
C TYR A 36 -9.70 -27.89 -66.18
N ARG A 37 -10.84 -27.28 -65.85
CA ARG A 37 -11.38 -26.17 -66.62
C ARG A 37 -11.77 -25.04 -65.66
N LEU A 38 -11.26 -23.84 -65.95
CA LEU A 38 -11.55 -22.64 -65.18
C LEU A 38 -12.48 -21.75 -66.00
N TYR A 39 -13.69 -21.54 -65.48
CA TYR A 39 -14.72 -20.75 -66.14
C TYR A 39 -14.80 -19.36 -65.51
N LYS A 40 -14.99 -18.35 -66.36
CA LYS A 40 -15.18 -16.96 -65.93
C LYS A 40 -16.54 -16.48 -66.45
N ASP A 41 -17.47 -16.25 -65.53
CA ASP A 41 -18.81 -15.74 -65.84
C ASP A 41 -19.54 -16.66 -66.82
N GLY A 42 -19.41 -17.97 -66.61
CA GLY A 42 -20.08 -18.92 -67.47
C GLY A 42 -19.44 -19.12 -68.82
N LYS A 43 -18.16 -18.76 -68.97
CA LYS A 43 -17.43 -18.96 -70.22
C LYS A 43 -16.11 -19.64 -69.92
N LEU A 44 -15.70 -20.55 -70.80
CA LEU A 44 -14.45 -21.27 -70.60
C LEU A 44 -13.27 -20.31 -70.69
N TYR A 45 -12.58 -20.09 -69.57
CA TYR A 45 -11.45 -19.16 -69.55
C TYR A 45 -10.13 -19.88 -69.78
N LYS A 46 -9.86 -20.93 -69.01
CA LYS A 46 -8.59 -21.66 -69.16
C LYS A 46 -8.81 -23.15 -68.97
N THR A 47 -7.82 -23.92 -69.42
CA THR A 47 -7.88 -25.38 -69.33
C THR A 47 -6.47 -25.91 -69.08
N VAL A 48 -6.32 -26.76 -68.08
CA VAL A 48 -5.04 -27.34 -67.72
C VAL A 48 -5.15 -28.86 -67.77
N THR A 49 -4.21 -29.50 -68.45
CA THR A 49 -4.13 -30.95 -68.54
C THR A 49 -2.96 -31.43 -67.70
N LYS A 50 -3.14 -32.59 -67.05
CA LYS A 50 -2.15 -33.10 -66.10
C LYS A 50 -1.28 -34.18 -66.75
N ASN A 51 -0.57 -33.78 -67.81
CA ASN A 51 0.41 -34.64 -68.46
C ASN A 51 1.49 -33.77 -69.09
N LYS A 52 2.44 -34.43 -69.76
CA LYS A 52 3.55 -33.76 -70.44
C LYS A 52 4.34 -32.86 -69.50
N LYS A 54 3.44 -33.34 -65.48
CA LYS A 54 3.59 -34.30 -64.40
C LYS A 54 2.25 -34.50 -63.70
N PRO A 55 1.78 -35.75 -63.63
CA PRO A 55 0.47 -36.01 -63.02
C PRO A 55 0.46 -35.69 -61.54
N ALA A 56 -0.62 -35.05 -61.10
CA ALA A 56 -0.77 -34.62 -59.71
C ALA A 56 -2.24 -34.75 -59.33
N ASN A 57 -2.64 -34.10 -58.23
CA ASN A 57 -4.00 -34.18 -57.73
C ASN A 57 -4.75 -32.86 -57.77
N LYS A 58 -4.06 -31.72 -57.69
CA LYS A 58 -4.69 -30.41 -57.59
C LYS A 58 -4.07 -29.49 -58.63
N ALA A 59 -4.89 -28.61 -59.21
CA ALA A 59 -4.48 -27.79 -60.34
C ALA A 59 -4.29 -26.34 -59.92
N GLU A 60 -3.39 -25.66 -60.62
CA GLU A 60 -3.03 -24.27 -60.36
C GLU A 60 -3.42 -23.39 -61.54
N PHE A 61 -3.76 -22.12 -61.24
CA PHE A 61 -4.00 -21.12 -62.26
C PHE A 61 -3.40 -19.80 -61.77
N SER A 62 -2.32 -19.35 -62.38
CA SER A 62 -1.63 -18.14 -61.95
C SER A 62 -2.05 -16.98 -62.85
N LEU A 63 -2.57 -15.91 -62.24
CA LEU A 63 -2.90 -14.69 -62.96
C LEU A 63 -1.88 -13.63 -62.56
N SER A 64 -0.70 -13.68 -63.19
CA SER A 64 0.37 -12.76 -62.87
C SER A 64 0.00 -11.33 -63.26
N ASN A 65 0.19 -10.40 -62.33
CA ASN A 65 -0.13 -8.99 -62.53
C ASN A 65 -1.58 -8.81 -62.96
N VAL A 66 -2.49 -8.80 -61.98
CA VAL A 66 -3.91 -8.71 -62.27
C VAL A 66 -4.27 -7.30 -62.72
N ASP A 67 -5.19 -7.21 -63.67
CA ASP A 67 -5.66 -5.94 -64.20
C ASP A 67 -7.15 -5.79 -63.90
N LEU A 68 -7.76 -4.73 -64.43
CA LEU A 68 -9.15 -4.43 -64.12
C LEU A 68 -10.10 -5.44 -64.76
N SER A 69 -9.77 -5.94 -65.95
CA SER A 69 -10.66 -6.84 -66.67
C SER A 69 -10.74 -8.24 -66.07
N ASN A 70 -9.85 -8.58 -65.13
CA ASN A 70 -9.82 -9.92 -64.56
C ASN A 70 -10.87 -10.14 -63.48
N ALA A 71 -11.62 -9.10 -63.10
CA ALA A 71 -12.59 -9.23 -62.01
C ALA A 71 -13.89 -9.85 -62.52
N GLY A 72 -14.43 -10.77 -61.75
CA GLY A 72 -15.66 -11.44 -62.13
C GLY A 72 -15.87 -12.69 -61.31
N GLN A 73 -16.91 -13.44 -61.69
CA GLN A 73 -17.22 -14.70 -61.04
C GLN A 73 -16.45 -15.84 -61.69
N TYR A 74 -15.80 -16.65 -60.86
CA TYR A 74 -14.95 -17.74 -61.31
C TYR A 74 -15.48 -19.06 -60.75
N GLU A 75 -15.43 -20.10 -61.59
CA GLU A 75 -15.83 -21.44 -61.21
C GLU A 75 -14.82 -22.44 -61.76
N CYS A 76 -14.79 -23.63 -61.16
CA CYS A 76 -13.89 -24.69 -61.61
C CYS A 76 -14.68 -25.97 -61.83
N SER A 77 -14.34 -26.68 -62.91
CA SER A 77 -14.86 -28.02 -63.18
C SER A 77 -13.71 -28.92 -63.60
N TYR A 78 -13.98 -30.22 -63.62
CA TYR A 78 -12.96 -31.16 -64.05
C TYR A 78 -13.63 -32.32 -64.77
N SER A 79 -12.85 -32.97 -65.63
CA SER A 79 -13.30 -34.12 -66.39
C SER A 79 -12.39 -35.31 -66.16
N THR A 80 -13.01 -36.48 -66.03
CA THR A 80 -12.37 -37.79 -66.02
C THR A 80 -13.11 -38.68 -67.00
N GLN A 81 -12.36 -39.51 -67.73
CA GLN A 81 -12.90 -40.31 -68.83
C GLN A 81 -13.60 -39.42 -69.84
N TYR A 82 -14.94 -39.41 -69.80
CA TYR A 82 -15.74 -38.57 -70.68
C TYR A 82 -16.92 -37.93 -69.94
N LYS A 83 -16.76 -37.67 -68.64
CA LYS A 83 -17.83 -37.12 -67.82
C LYS A 83 -17.36 -35.82 -67.20
N SER A 84 -18.02 -34.71 -67.55
CA SER A 84 -17.77 -33.42 -66.92
C SER A 84 -18.70 -33.28 -65.71
N SER A 85 -18.13 -32.84 -64.59
CA SER A 85 -18.80 -32.91 -63.30
C SER A 85 -19.18 -31.51 -62.81
N GLY A 86 -20.32 -31.02 -63.28
CA GLY A 86 -21.01 -29.89 -62.66
C GLY A 86 -20.15 -28.64 -62.53
N TYR A 87 -20.37 -27.92 -61.44
CA TYR A 87 -19.70 -26.65 -61.18
C TYR A 87 -19.47 -26.49 -59.68
N SER A 88 -18.31 -25.95 -59.33
CA SER A 88 -18.08 -25.55 -57.95
C SER A 88 -18.81 -24.24 -57.65
N ASP A 89 -19.03 -23.99 -56.38
CA ASP A 89 -19.72 -22.76 -55.97
C ASP A 89 -18.95 -21.54 -56.46
N PRO A 90 -19.61 -20.54 -57.03
CA PRO A 90 -18.90 -19.43 -57.67
C PRO A 90 -18.09 -18.62 -56.67
N LEU A 91 -17.08 -17.91 -57.18
CA LEU A 91 -16.19 -17.11 -56.36
C LEU A 91 -16.01 -15.74 -57.01
N LYS A 92 -16.30 -14.67 -56.26
CA LYS A 92 -16.17 -13.32 -56.77
C LYS A 92 -14.73 -12.84 -56.63
N LEU A 93 -14.05 -12.62 -57.75
CA LEU A 93 -12.74 -11.99 -57.76
C LEU A 93 -12.93 -10.49 -58.00
N VAL A 94 -12.51 -9.68 -57.03
CA VAL A 94 -12.69 -8.23 -57.05
C VAL A 94 -11.33 -7.56 -57.16
N VAL A 95 -11.28 -6.45 -57.88
CA VAL A 95 -10.06 -5.66 -58.05
C VAL A 95 -10.34 -4.24 -57.58
N THR A 96 -9.33 -3.61 -56.98
CA THR A 96 -9.43 -2.27 -56.45
C THR A 96 -8.64 -1.27 -57.31
N GLY A 97 -9.10 -0.04 -57.30
CA GLY A 97 -8.42 1.07 -57.96
C GLY A 97 -9.40 1.93 -58.71
N HIS A 98 -8.85 2.86 -59.49
CA HIS A 98 -9.59 3.75 -60.38
C HIS A 98 -10.49 4.74 -59.65
N TYR A 99 -11.15 4.31 -58.57
CA TYR A 99 -12.13 5.13 -57.87
C TYR A 99 -11.47 5.98 -56.79
N TRP A 100 -12.30 6.78 -56.12
CA TRP A 100 -11.87 7.66 -55.03
C TRP A 100 -12.00 6.93 -53.70
N THR A 101 -10.98 7.09 -52.85
CA THR A 101 -10.96 6.39 -51.58
C THR A 101 -12.03 6.93 -50.64
N PRO A 102 -12.89 6.07 -50.09
CA PRO A 102 -13.86 6.52 -49.08
C PRO A 102 -13.20 6.68 -47.72
N SER A 103 -13.93 7.34 -46.83
CA SER A 103 -13.56 7.42 -45.42
C SER A 103 -14.57 6.67 -44.58
N LEU A 104 -14.13 6.19 -43.42
CA LEU A 104 -14.97 5.40 -42.54
C LEU A 104 -14.87 5.92 -41.12
N LEU A 105 -16.01 6.12 -40.46
CA LEU A 105 -16.04 6.71 -39.13
C LEU A 105 -17.04 5.94 -38.28
N ALA A 106 -16.73 5.83 -36.98
CA ALA A 106 -17.74 5.41 -36.01
C ALA A 106 -18.61 6.61 -35.68
N GLN A 107 -19.93 6.46 -35.87
CA GLN A 107 -20.84 7.58 -35.63
C GLN A 107 -20.72 8.10 -34.20
N ALA A 108 -20.62 7.20 -33.22
CA ALA A 108 -20.45 7.58 -31.83
C ALA A 108 -19.08 7.14 -31.32
N SER A 109 -18.84 5.85 -31.21
CA SER A 109 -17.56 5.33 -30.75
C SER A 109 -17.47 3.86 -31.10
N PRO A 110 -16.26 3.32 -31.28
CA PRO A 110 -16.13 1.88 -31.51
C PRO A 110 -16.40 1.01 -30.29
N VAL A 111 -16.64 1.63 -29.12
CA VAL A 111 -16.94 0.87 -27.93
C VAL A 111 -18.34 0.26 -28.04
N VAL A 112 -18.46 -1.01 -27.68
CA VAL A 112 -19.72 -1.73 -27.85
C VAL A 112 -19.80 -2.83 -26.80
N THR A 113 -20.98 -3.02 -26.25
CA THR A 113 -21.24 -4.13 -25.35
C THR A 113 -21.39 -5.41 -26.17
N SER A 114 -20.82 -6.50 -25.66
CA SER A 114 -20.85 -7.76 -26.38
C SER A 114 -22.28 -8.19 -26.66
N GLY A 115 -22.49 -8.77 -27.84
CA GLY A 115 -23.83 -9.09 -28.29
C GLY A 115 -24.64 -7.87 -28.67
N GLY A 116 -24.01 -6.89 -29.30
CA GLY A 116 -24.67 -5.64 -29.66
C GLY A 116 -24.27 -5.18 -31.04
N TYR A 117 -24.79 -4.02 -31.42
CA TYR A 117 -24.58 -3.44 -32.73
C TYR A 117 -23.96 -2.05 -32.62
N VAL A 118 -23.20 -1.67 -33.63
CA VAL A 118 -22.60 -0.33 -33.70
C VAL A 118 -22.90 0.27 -35.06
N THR A 119 -23.03 1.60 -35.09
CA THR A 119 -23.38 2.33 -36.31
C THR A 119 -22.11 2.98 -36.87
N LEU A 120 -21.82 2.67 -38.13
CA LEU A 120 -20.64 3.18 -38.82
C LEU A 120 -21.08 4.01 -40.02
N GLN A 121 -20.60 5.24 -40.11
CA GLN A 121 -20.86 6.10 -41.26
C GLN A 121 -19.68 6.01 -42.23
N CYS A 122 -19.95 5.53 -43.44
CA CYS A 122 -18.97 5.60 -44.51
C CYS A 122 -19.32 6.76 -45.43
N GLU A 123 -18.28 7.45 -45.91
CA GLU A 123 -18.41 8.65 -46.71
C GLU A 123 -17.65 8.49 -48.02
N SER A 124 -18.33 8.78 -49.12
CA SER A 124 -17.71 8.81 -50.43
C SER A 124 -18.36 9.90 -51.25
N TRP A 125 -17.67 10.35 -52.29
CA TRP A 125 -18.09 11.48 -53.09
C TRP A 125 -18.84 11.08 -54.34
N HIS A 126 -19.00 9.79 -54.59
CA HIS A 126 -19.76 9.32 -55.73
C HIS A 126 -21.25 9.39 -55.44
N ASN A 127 -22.02 9.92 -56.38
CA ASN A 127 -23.45 10.12 -56.20
C ASN A 127 -24.20 8.80 -56.12
N ASP A 128 -24.35 8.12 -57.25
CA ASP A 128 -25.10 6.87 -57.33
C ASP A 128 -24.11 5.72 -57.19
N HIS A 129 -23.82 5.34 -55.95
CA HIS A 129 -22.94 4.23 -55.64
C HIS A 129 -23.57 3.35 -54.57
N LYS A 130 -23.39 2.04 -54.71
CA LYS A 130 -23.73 1.13 -53.62
C LYS A 130 -22.52 0.94 -52.71
N PHE A 131 -22.79 0.74 -51.42
CA PHE A 131 -21.74 0.67 -50.42
C PHE A 131 -21.78 -0.69 -49.72
N ILE A 132 -20.61 -1.28 -49.56
CA ILE A 132 -20.46 -2.60 -48.95
C ILE A 132 -19.47 -2.46 -47.79
N LEU A 133 -19.91 -2.87 -46.61
CA LEU A 133 -19.06 -2.91 -45.43
C LEU A 133 -18.70 -4.36 -45.13
N THR A 134 -17.40 -4.62 -44.96
CA THR A 134 -16.90 -5.97 -44.73
C THR A 134 -16.05 -6.00 -43.48
N VAL A 135 -15.74 -7.21 -43.01
CA VAL A 135 -14.91 -7.42 -41.84
C VAL A 135 -13.78 -8.37 -42.20
N GLU A 136 -12.61 -8.15 -41.58
CA GLU A 136 -11.47 -9.04 -41.75
C GLU A 136 -11.63 -10.22 -40.81
N GLY A 137 -12.23 -11.29 -41.31
CA GLY A 137 -12.42 -12.48 -40.53
C GLY A 137 -12.51 -13.71 -41.42
N PRO A 138 -12.58 -14.89 -40.80
CA PRO A 138 -12.77 -16.12 -41.59
C PRO A 138 -14.07 -16.10 -42.37
N GLN A 139 -15.19 -15.92 -41.67
CA GLN A 139 -16.49 -15.73 -42.30
C GLN A 139 -16.59 -14.28 -42.73
N LYS A 140 -16.38 -14.03 -44.03
CA LYS A 140 -16.46 -12.68 -44.59
C LYS A 140 -17.90 -12.20 -44.54
N LEU A 141 -18.22 -11.36 -43.55
CA LEU A 141 -19.55 -10.78 -43.42
C LEU A 141 -19.63 -9.48 -44.20
N SER A 142 -20.74 -9.31 -44.92
CA SER A 142 -20.91 -8.16 -45.81
C SER A 142 -22.24 -7.47 -45.52
N TRP A 143 -22.26 -6.16 -45.76
CA TRP A 143 -23.48 -5.36 -45.67
C TRP A 143 -23.57 -4.47 -46.89
N THR A 144 -24.75 -4.43 -47.51
CA THR A 144 -24.99 -3.67 -48.73
C THR A 144 -26.03 -2.60 -48.44
N GLN A 145 -25.68 -1.34 -48.72
CA GLN A 145 -26.58 -0.22 -48.47
C GLN A 145 -26.48 0.80 -49.59
N ASP A 146 -27.52 1.63 -49.67
CA ASP A 146 -27.57 2.73 -50.62
C ASP A 146 -27.05 4.02 -49.98
N SER A 147 -26.82 5.02 -50.82
CA SER A 147 -26.31 6.32 -50.40
C SER A 147 -27.45 7.21 -49.94
N GLN A 148 -27.32 7.77 -48.73
CA GLN A 148 -28.30 8.72 -48.23
C GLN A 148 -27.63 10.05 -47.95
N TYR A 149 -28.39 11.14 -48.11
CA TYR A 149 -27.85 12.48 -47.90
C TYR A 149 -28.76 13.21 -46.94
N ASN A 150 -28.21 13.59 -45.80
CA ASN A 150 -28.96 14.38 -44.82
C ASN A 150 -28.92 15.84 -45.21
N TYR A 151 -30.10 16.46 -45.27
CA TYR A 151 -30.16 17.86 -45.68
C TYR A 151 -29.48 18.76 -44.66
N SER A 152 -29.54 18.39 -43.38
CA SER A 152 -28.89 19.19 -42.34
C SER A 152 -27.37 19.15 -42.49
N THR A 153 -26.81 17.96 -42.72
CA THR A 153 -25.36 17.82 -42.83
C THR A 153 -24.84 18.20 -44.21
N ARG A 154 -25.71 18.18 -45.22
CA ARG A 154 -25.34 18.55 -46.60
C ARG A 154 -24.22 17.65 -47.12
N LYS A 155 -24.31 16.35 -46.83
CA LYS A 155 -23.28 15.40 -47.24
C LYS A 155 -23.91 14.09 -47.67
N TYR A 156 -23.25 13.42 -48.60
CA TYR A 156 -23.67 12.11 -49.11
C TYR A 156 -22.86 11.04 -48.39
N HIS A 157 -23.55 10.09 -47.75
CA HIS A 157 -22.86 9.00 -47.05
C HIS A 157 -23.88 7.93 -46.68
N ALA A 158 -23.36 6.75 -46.34
CA ALA A 158 -24.24 5.68 -45.89
C ALA A 158 -23.90 5.27 -44.46
N LEU A 159 -24.81 4.51 -43.84
CA LEU A 159 -24.65 4.02 -42.48
C LEU A 159 -24.83 2.51 -42.46
N PHE A 160 -24.07 1.83 -41.61
CA PHE A 160 -24.17 0.39 -41.42
C PHE A 160 -24.31 0.06 -39.95
N SER A 161 -25.21 -0.87 -39.63
CA SER A 161 -25.35 -1.39 -38.27
C SER A 161 -24.65 -2.75 -38.24
N VAL A 162 -23.46 -2.77 -37.67
CA VAL A 162 -22.66 -3.99 -37.60
C VAL A 162 -23.00 -4.73 -36.32
N GLY A 163 -23.09 -6.06 -36.42
CA GLY A 163 -23.37 -6.91 -35.29
C GLY A 163 -24.17 -8.14 -35.67
N PRO A 164 -24.57 -8.95 -34.68
CA PRO A 164 -24.25 -8.77 -33.26
C PRO A 164 -22.78 -9.04 -32.95
N VAL A 165 -22.13 -8.06 -32.33
CA VAL A 165 -20.69 -8.14 -32.08
C VAL A 165 -20.44 -9.20 -31.02
N THR A 166 -19.89 -10.34 -31.44
CA THR A 166 -19.57 -11.43 -30.53
C THR A 166 -18.18 -11.22 -29.93
N PRO A 167 -18.01 -11.53 -28.63
CA PRO A 167 -16.71 -11.27 -27.99
C PRO A 167 -15.63 -12.27 -28.39
N ASN A 168 -15.96 -13.33 -29.11
CA ASN A 168 -14.96 -14.33 -29.48
C ASN A 168 -14.15 -13.94 -30.71
N GLN A 169 -14.69 -13.06 -31.55
CA GLN A 169 -14.07 -12.71 -32.83
C GLN A 169 -13.60 -11.26 -32.81
N ARG A 170 -12.40 -11.03 -33.31
CA ARG A 170 -11.88 -9.68 -33.47
C ARG A 170 -12.53 -9.02 -34.68
N TRP A 171 -12.93 -7.77 -34.52
CA TRP A 171 -13.68 -7.04 -35.53
C TRP A 171 -12.82 -5.93 -36.12
N ILE A 172 -12.56 -6.03 -37.43
CA ILE A 172 -11.86 -5.00 -38.19
C ILE A 172 -12.69 -4.72 -39.43
N CYS A 173 -13.27 -3.53 -39.50
CA CYS A 173 -14.22 -3.18 -40.54
C CYS A 173 -13.56 -2.35 -41.64
N ARG A 174 -13.97 -2.59 -42.88
CA ARG A 174 -13.47 -1.86 -44.04
C ARG A 174 -14.62 -1.60 -45.01
N CYS A 175 -14.66 -0.38 -45.54
CA CYS A 175 -15.75 0.09 -46.37
C CYS A 175 -15.34 0.12 -47.84
N TYR A 176 -16.31 -0.10 -48.72
CA TYR A 176 -16.10 -0.08 -50.16
C TYR A 176 -17.30 0.54 -50.85
N SER A 177 -17.06 1.14 -52.00
CA SER A 177 -18.10 1.74 -52.83
C SER A 177 -17.93 1.27 -54.26
N TYR A 178 -19.05 1.08 -54.96
CA TYR A 178 -18.98 0.58 -56.32
C TYR A 178 -20.20 1.01 -57.12
N ASP A 179 -20.00 1.09 -58.43
CA ASP A 179 -21.05 1.44 -59.37
C ASP A 179 -21.97 0.25 -59.61
N ARG A 180 -23.25 0.55 -59.88
CA ARG A 180 -24.22 -0.52 -60.07
C ARG A 180 -23.88 -1.40 -61.26
N ASN A 181 -23.59 -0.78 -62.41
CA ASN A 181 -23.36 -1.54 -63.63
C ASN A 181 -21.95 -2.13 -63.72
N ARG A 182 -21.03 -1.71 -62.85
CA ARG A 182 -19.70 -2.30 -62.74
C ARG A 182 -19.55 -2.84 -61.32
N PRO A 183 -20.08 -4.02 -61.03
CA PRO A 183 -20.07 -4.52 -59.65
C PRO A 183 -18.75 -5.14 -59.24
N TYR A 184 -18.02 -5.72 -60.18
CA TYR A 184 -16.79 -6.44 -59.86
C TYR A 184 -15.61 -5.51 -59.63
N VAL A 185 -15.77 -4.20 -59.81
CA VAL A 185 -14.70 -3.24 -59.62
C VAL A 185 -15.12 -2.31 -58.49
N TRP A 186 -14.43 -2.42 -57.36
CA TRP A 186 -14.75 -1.65 -56.16
C TRP A 186 -13.76 -0.50 -55.98
N SER A 187 -14.11 0.42 -55.08
CA SER A 187 -13.22 1.49 -54.70
C SER A 187 -12.08 0.94 -53.85
N PRO A 188 -10.97 1.68 -53.74
CA PRO A 188 -9.91 1.25 -52.84
C PRO A 188 -10.41 1.23 -51.41
N PRO A 189 -9.89 0.31 -50.58
CA PRO A 189 -10.42 0.17 -49.23
C PRO A 189 -10.19 1.43 -48.40
N SER A 190 -11.16 1.72 -47.52
CA SER A 190 -11.06 2.89 -46.65
C SER A 190 -10.14 2.60 -45.46
N GLU A 191 -10.21 3.44 -44.43
CA GLU A 191 -9.33 3.27 -43.28
C GLU A 191 -9.70 2.02 -42.49
N SER A 192 -8.69 1.43 -41.86
CA SER A 192 -8.88 0.23 -41.05
C SER A 192 -9.54 0.64 -39.73
N VAL A 193 -10.86 0.49 -39.66
CA VAL A 193 -11.64 0.86 -38.49
C VAL A 193 -11.89 -0.40 -37.68
N GLU A 194 -11.26 -0.48 -36.50
CA GLU A 194 -11.38 -1.63 -35.63
C GLU A 194 -12.32 -1.32 -34.46
N LEU A 195 -13.17 -2.27 -34.12
CA LEU A 195 -14.13 -2.12 -33.05
C LEU A 195 -13.55 -2.62 -31.73
N LEU A 196 -13.91 -1.95 -30.64
CA LEU A 196 -13.51 -2.32 -29.30
C LEU A 196 -14.73 -2.81 -28.54
N VAL A 197 -14.69 -4.04 -28.06
CA VAL A 197 -15.83 -4.68 -27.42
C VAL A 197 -15.60 -4.67 -25.90
N SER A 198 -16.57 -4.12 -25.18
CA SER A 198 -16.56 -4.19 -23.72
C SER A 198 -16.90 -5.62 -23.31
N GLY A 199 -15.87 -6.43 -23.07
CA GLY A 199 -16.06 -7.84 -22.80
C GLY A 199 -16.65 -8.15 -21.44
N ASN A 200 -16.49 -9.40 -21.01
CA ASN A 200 -17.06 -9.88 -19.75
C ASN A 200 -16.01 -10.65 -18.95
N LEU A 201 -14.74 -10.31 -19.11
CA LEU A 201 -13.64 -11.00 -18.46
C LEU A 201 -12.96 -10.06 -17.46
N GLN A 202 -11.74 -10.41 -17.05
CA GLN A 202 -11.03 -9.65 -16.02
C GLN A 202 -10.56 -8.32 -16.56
N LYS A 203 -10.56 -7.30 -15.68
CA LYS A 203 -10.14 -5.96 -16.04
C LYS A 203 -8.63 -5.86 -16.12
N PRO A 204 -8.10 -5.10 -17.08
CA PRO A 204 -6.66 -4.82 -17.12
C PRO A 204 -6.29 -3.59 -16.30
N THR A 205 -5.12 -3.66 -15.69
CA THR A 205 -4.56 -2.52 -14.98
C THR A 205 -3.85 -1.59 -15.95
N ILE A 206 -4.07 -0.27 -15.77
CA ILE A 206 -3.52 0.76 -16.63
C ILE A 206 -2.63 1.68 -15.81
N LYS A 207 -1.51 2.10 -16.40
CA LYS A 207 -0.60 3.01 -15.73
C LYS A 207 0.14 3.87 -16.74
N ALA A 208 0.59 5.02 -16.26
CA ALA A 208 1.52 5.89 -16.99
C ALA A 208 2.69 6.14 -16.05
N GLU A 209 3.85 5.59 -16.39
CA GLU A 209 4.99 5.57 -15.48
C GLU A 209 5.63 6.96 -15.30
N PRO A 210 5.76 7.77 -16.34
CA PRO A 210 6.18 9.17 -16.11
C PRO A 210 5.18 9.97 -15.29
N GLY A 211 3.91 9.57 -15.26
CA GLY A 211 2.91 10.23 -14.46
C GLY A 211 1.65 10.49 -15.27
N SER A 212 0.65 11.02 -14.57
CA SER A 212 -0.62 11.40 -15.21
C SER A 212 -0.64 12.85 -15.65
N VAL A 213 0.33 13.66 -15.24
CA VAL A 213 0.43 15.07 -15.61
C VAL A 213 1.80 15.26 -16.25
N ILE A 214 1.82 15.61 -17.53
CA ILE A 214 3.07 15.71 -18.29
C ILE A 214 3.11 17.08 -18.95
N THR A 215 4.25 17.75 -18.84
CA THR A 215 4.47 18.99 -19.59
C THR A 215 4.60 18.66 -21.07
N SER A 216 4.10 19.57 -21.92
CA SER A 216 4.06 19.30 -23.35
C SER A 216 5.47 19.14 -23.91
N LYS A 217 5.53 18.61 -25.13
CA LYS A 217 6.74 18.40 -25.91
C LYS A 217 7.65 17.33 -25.33
N ARG A 218 7.21 16.56 -24.33
CA ARG A 218 8.02 15.52 -23.72
C ARG A 218 7.41 14.15 -23.97
N ALA A 219 8.22 13.13 -23.71
CA ALA A 219 7.87 11.74 -23.98
C ALA A 219 7.29 11.07 -22.75
N MET A 220 6.57 9.98 -22.98
CA MET A 220 5.93 9.23 -21.91
C MET A 220 5.56 7.85 -22.43
N THR A 221 5.12 6.99 -21.50
CA THR A 221 4.74 5.61 -21.81
C THR A 221 3.48 5.26 -21.05
N ILE A 222 2.68 4.37 -21.65
CA ILE A 222 1.44 3.88 -21.07
C ILE A 222 1.50 2.36 -21.09
N TRP A 223 1.33 1.74 -19.92
CA TRP A 223 1.33 0.29 -19.78
C TRP A 223 -0.08 -0.19 -19.50
N CYS A 224 -0.52 -1.19 -20.27
CA CYS A 224 -1.75 -1.93 -19.99
C CYS A 224 -1.35 -3.38 -19.73
N GLN A 225 -1.49 -3.81 -18.48
CA GLN A 225 -1.21 -5.19 -18.10
C GLN A 225 -2.51 -5.88 -17.69
N GLY A 226 -2.46 -7.20 -17.62
CA GLY A 226 -3.66 -7.91 -17.20
C GLY A 226 -3.57 -9.40 -17.46
N ASN A 227 -4.73 -10.00 -17.76
CA ASN A 227 -4.79 -11.42 -18.01
C ASN A 227 -3.92 -11.80 -19.20
N LEU A 228 -3.26 -12.95 -19.09
CA LEU A 228 -2.36 -13.43 -20.13
C LEU A 228 -3.06 -14.28 -21.17
N ASP A 229 -4.40 -14.30 -21.17
CA ASP A 229 -5.16 -14.79 -22.32
C ASP A 229 -5.10 -13.83 -23.50
N ALA A 230 -4.64 -12.60 -23.29
CA ALA A 230 -4.71 -11.56 -24.29
C ALA A 230 -3.65 -11.75 -25.36
N GLU A 231 -4.00 -11.39 -26.59
CA GLU A 231 -3.09 -11.38 -27.72
C GLU A 231 -2.76 -9.97 -28.19
N VAL A 232 -3.77 -9.12 -28.34
CA VAL A 232 -3.61 -7.76 -28.84
C VAL A 232 -4.18 -6.80 -27.81
N TYR A 233 -3.49 -5.68 -27.60
CA TYR A 233 -3.95 -4.64 -26.69
C TYR A 233 -4.32 -3.39 -27.48
N PHE A 234 -5.25 -2.61 -26.95
CA PHE A 234 -5.74 -1.41 -27.60
C PHE A 234 -5.80 -0.26 -26.60
N LEU A 235 -5.72 0.96 -27.13
CA LEU A 235 -6.01 2.14 -26.33
C LEU A 235 -6.97 3.04 -27.08
N HIS A 236 -7.83 3.72 -26.31
CA HIS A 236 -8.91 4.53 -26.86
C HIS A 236 -9.18 5.69 -25.91
N ASN A 237 -9.71 6.78 -26.46
CA ASN A 237 -10.09 7.96 -25.71
C ASN A 237 -11.56 8.30 -25.92
N GLU A 238 -12.13 9.02 -24.94
CA GLU A 238 -13.46 9.58 -25.13
C GLU A 238 -13.45 10.66 -26.20
N GLY A 239 -12.32 11.37 -26.31
CA GLY A 239 -11.98 12.24 -27.42
C GLY A 239 -11.15 11.41 -28.39
N SER A 240 -11.82 10.96 -29.45
CA SER A 240 -11.61 9.62 -29.99
C SER A 240 -10.23 9.38 -30.56
N GLN A 241 -9.62 8.26 -30.14
CA GLN A 241 -8.40 7.71 -30.70
C GLN A 241 -8.53 6.19 -30.71
N LYS A 242 -7.72 5.54 -31.54
CA LYS A 242 -7.58 4.09 -31.54
C LYS A 242 -6.12 3.75 -31.79
N THR A 243 -5.51 2.98 -30.89
CA THR A 243 -4.15 2.51 -31.11
C THR A 243 -4.09 1.02 -30.84
N GLN A 244 -3.50 0.29 -31.78
CA GLN A 244 -3.46 -1.16 -31.80
C GLN A 244 -2.02 -1.63 -31.58
N SER A 245 -1.81 -2.51 -30.61
CA SER A 245 -0.51 -3.15 -30.40
C SER A 245 -0.73 -4.66 -30.41
N THR A 246 -0.26 -5.32 -31.47
CA THR A 246 -0.42 -6.75 -31.64
C THR A 246 0.69 -7.53 -30.95
N GLN A 247 1.94 -7.21 -31.26
CA GLN A 247 3.08 -7.85 -30.63
C GLN A 247 3.52 -7.01 -29.44
N THR A 248 3.39 -7.59 -28.24
CA THR A 248 3.69 -6.90 -26.99
C THR A 248 4.96 -7.47 -26.35
N LEU A 249 5.44 -6.76 -25.34
CA LEU A 249 6.62 -7.21 -24.60
C LEU A 249 6.29 -8.47 -23.82
N GLN A 250 7.04 -9.54 -24.07
CA GLN A 250 6.74 -10.83 -23.48
C GLN A 250 7.26 -10.98 -22.05
N GLN A 251 8.26 -10.20 -21.66
CA GLN A 251 8.89 -10.35 -20.37
C GLN A 251 8.63 -9.13 -19.50
N PRO A 252 8.03 -9.28 -18.30
CA PRO A 252 7.47 -10.54 -17.81
C PRO A 252 5.96 -10.65 -18.04
N GLY A 253 5.56 -11.44 -19.03
CA GLY A 253 4.16 -11.57 -19.37
C GLY A 253 3.69 -10.48 -20.30
N ASN A 254 2.46 -10.66 -20.81
CA ASN A 254 1.85 -9.71 -21.73
C ASN A 254 1.67 -8.35 -21.09
N LYS A 255 2.54 -7.40 -21.44
CA LYS A 255 2.43 -6.00 -21.01
C LYS A 255 2.38 -5.13 -22.26
N GLY A 256 1.19 -4.61 -22.58
CA GLY A 256 1.06 -3.74 -23.72
C GLY A 256 1.65 -2.37 -23.46
N LYS A 257 2.77 -2.08 -24.11
CA LYS A 257 3.47 -0.81 -24.01
C LYS A 257 3.04 0.11 -25.15
N PHE A 258 2.74 1.36 -24.82
CA PHE A 258 2.51 2.40 -25.81
C PHE A 258 3.42 3.57 -25.49
N PHE A 259 3.98 4.18 -26.52
CA PHE A 259 4.99 5.22 -26.37
C PHE A 259 4.55 6.50 -27.07
N ILE A 260 4.82 7.64 -26.44
CA ILE A 260 4.54 8.94 -27.01
C ILE A 260 5.81 9.77 -26.96
N PRO A 261 6.35 10.24 -28.09
CA PRO A 261 7.61 10.99 -28.06
C PRO A 261 7.45 12.43 -27.59
N SER A 262 6.33 13.06 -27.94
CA SER A 262 6.07 14.44 -27.55
C SER A 262 4.57 14.66 -27.45
N MET A 263 4.13 15.24 -26.34
CA MET A 263 2.72 15.43 -26.08
C MET A 263 2.19 16.65 -26.85
N THR A 264 1.01 16.50 -27.44
CA THR A 264 0.38 17.58 -28.19
C THR A 264 -1.07 17.69 -27.73
N ARG A 265 -1.90 18.35 -28.54
CA ARG A 265 -3.31 18.53 -28.20
C ARG A 265 -4.05 17.21 -28.11
N GLN A 266 -3.88 16.35 -29.13
CA GLN A 266 -4.70 15.14 -29.22
C GLN A 266 -4.31 14.08 -28.21
N HIS A 267 -3.20 14.23 -27.50
CA HIS A 267 -2.70 13.17 -26.62
C HIS A 267 -3.24 13.27 -25.20
N ALA A 268 -3.82 14.40 -24.81
CA ALA A 268 -4.45 14.52 -23.51
C ALA A 268 -5.87 14.00 -23.54
N GLY A 269 -6.40 13.66 -22.36
CA GLY A 269 -7.76 13.20 -22.25
C GLY A 269 -7.86 11.98 -21.37
N GLN A 270 -9.05 11.38 -21.34
CA GLN A 270 -9.30 10.22 -20.50
C GLN A 270 -9.05 8.94 -21.30
N TYR A 271 -8.10 8.13 -20.84
CA TYR A 271 -7.65 6.92 -21.52
C TYR A 271 -8.20 5.70 -20.82
N ARG A 272 -8.46 4.66 -21.63
CA ARG A 272 -8.95 3.37 -21.16
C ARG A 272 -8.31 2.27 -22.02
N CYS A 273 -7.80 1.23 -21.38
CA CYS A 273 -7.22 0.09 -22.09
C CYS A 273 -8.30 -0.96 -22.34
N TYR A 274 -8.39 -1.42 -23.59
CA TYR A 274 -9.21 -2.56 -23.95
C TYR A 274 -8.32 -3.72 -24.35
N CYS A 275 -8.84 -4.94 -24.18
CA CYS A 275 -8.04 -6.14 -24.38
C CYS A 275 -8.85 -7.21 -25.09
N TYR A 276 -8.18 -7.96 -25.97
CA TYR A 276 -8.78 -9.08 -26.68
C TYR A 276 -7.87 -10.29 -26.57
N GLY A 277 -8.47 -11.46 -26.39
CA GLY A 277 -7.71 -12.69 -26.26
C GLY A 277 -8.46 -13.85 -26.87
N SER A 278 -7.88 -15.04 -26.70
CA SER A 278 -8.52 -16.25 -27.21
C SER A 278 -9.84 -16.53 -26.49
N ALA A 279 -9.94 -16.13 -25.22
CA ALA A 279 -11.17 -16.33 -24.47
C ALA A 279 -12.23 -15.28 -24.79
N GLY A 280 -11.82 -14.11 -25.26
CA GLY A 280 -12.74 -13.06 -25.65
C GLY A 280 -12.27 -11.72 -25.14
N TRP A 281 -13.10 -10.71 -25.35
CA TRP A 281 -12.78 -9.37 -24.90
C TRP A 281 -12.97 -9.26 -23.38
N SER A 282 -12.44 -8.19 -22.81
CA SER A 282 -12.44 -7.99 -21.37
C SER A 282 -13.14 -6.69 -21.02
N GLN A 283 -13.52 -6.57 -19.75
CA GLN A 283 -14.07 -5.33 -19.26
C GLN A 283 -13.05 -4.21 -19.41
N PRO A 284 -13.48 -2.98 -19.70
CA PRO A 284 -12.53 -1.89 -19.89
C PRO A 284 -11.83 -1.54 -18.58
N SER A 285 -10.67 -0.90 -18.72
CA SER A 285 -9.90 -0.48 -17.56
C SER A 285 -10.54 0.76 -16.93
N ASP A 286 -10.05 1.11 -15.75
CA ASP A 286 -10.50 2.32 -15.10
C ASP A 286 -10.03 3.55 -15.88
N THR A 287 -10.78 4.65 -15.76
CA THR A 287 -10.51 5.84 -16.54
C THR A 287 -9.29 6.56 -15.99
N LEU A 288 -8.24 6.67 -16.79
CA LEU A 288 -7.02 7.37 -16.39
C LEU A 288 -6.91 8.69 -17.13
N GLU A 289 -6.88 9.80 -16.40
CA GLU A 289 -6.89 11.11 -17.01
C GLU A 289 -5.46 11.58 -17.24
N LEU A 290 -5.10 11.78 -18.51
CA LEU A 290 -3.81 12.32 -18.91
C LEU A 290 -3.94 13.81 -19.17
N VAL A 291 -3.09 14.60 -18.51
CA VAL A 291 -3.14 16.05 -18.55
C VAL A 291 -1.87 16.56 -19.23
N VAL A 292 -2.04 17.50 -20.16
CA VAL A 292 -0.93 18.13 -20.86
C VAL A 292 -0.84 19.58 -20.42
N THR A 293 0.26 19.92 -19.76
CA THR A 293 0.57 21.29 -19.40
C THR A 293 1.61 21.85 -20.37
N GLY A 294 1.93 23.14 -20.19
CA GLY A 294 2.89 23.82 -21.02
C GLY A 294 2.26 24.70 -22.09
N ILE A 295 1.10 24.30 -22.62
CA ILE A 295 0.40 25.13 -23.60
C ILE A 295 -0.01 26.44 -22.93
N TYR A 296 -0.37 27.42 -23.76
CA TYR A 296 -0.64 28.79 -23.32
C TYR A 296 0.58 29.34 -22.57
N GLU A 297 1.71 29.36 -23.29
CA GLU A 297 3.02 29.57 -22.69
C GLU A 297 3.42 31.04 -22.60
N HIS A 298 2.45 31.95 -22.42
CA HIS A 298 2.75 33.36 -22.32
C HIS A 298 2.40 33.93 -20.95
N TYR A 299 1.16 33.77 -20.51
CA TYR A 299 0.69 34.34 -19.25
C TYR A 299 0.84 33.30 -18.15
N LYS A 300 2.02 33.27 -17.55
CA LYS A 300 2.27 32.35 -16.44
C LYS A 300 1.46 32.79 -15.23
N PRO A 301 0.77 31.87 -14.55
CA PRO A 301 0.06 32.24 -13.32
C PRO A 301 1.03 32.54 -12.19
N ARG A 302 0.53 33.22 -11.17
CA ARG A 302 1.31 33.55 -9.99
C ARG A 302 0.58 33.08 -8.74
N LEU A 303 1.35 32.54 -7.80
CA LEU A 303 0.80 31.91 -6.59
C LEU A 303 1.35 32.60 -5.35
N SER A 304 0.45 32.97 -4.45
CA SER A 304 0.82 33.52 -3.14
C SER A 304 0.09 32.74 -2.06
N VAL A 305 0.52 32.95 -0.80
CA VAL A 305 0.00 32.22 0.34
C VAL A 305 -0.29 33.20 1.47
N LEU A 306 -1.40 32.97 2.17
CA LEU A 306 -1.80 33.75 3.33
C LEU A 306 -2.14 32.82 4.49
N PRO A 307 -1.70 33.16 5.71
CA PRO A 307 -0.92 34.36 6.01
C PRO A 307 0.59 34.17 5.85
N SER A 308 1.08 32.96 6.07
CA SER A 308 2.50 32.65 6.03
C SER A 308 2.70 31.28 5.41
N PRO A 309 3.81 31.07 4.69
CA PRO A 309 4.09 29.73 4.14
C PRO A 309 4.34 28.68 5.21
N VAL A 310 4.58 29.08 6.46
CA VAL A 310 4.72 28.15 7.58
C VAL A 310 3.62 28.49 8.58
N VAL A 311 2.75 27.51 8.85
CA VAL A 311 1.63 27.69 9.77
C VAL A 311 1.66 26.58 10.81
N THR A 312 1.10 26.88 11.98
CA THR A 312 0.97 25.88 13.03
C THR A 312 -0.20 24.95 12.72
N ALA A 313 -0.16 23.77 13.34
CA ALA A 313 -1.18 22.77 13.11
C ALA A 313 -2.50 23.22 13.72
N GLY A 314 -3.54 23.30 12.89
CA GLY A 314 -4.85 23.73 13.35
C GLY A 314 -5.16 25.18 13.05
N GLY A 315 -4.74 25.64 11.86
CA GLY A 315 -5.03 26.97 11.40
C GLY A 315 -5.73 26.98 10.05
N ASN A 316 -5.95 28.19 9.54
CA ASN A 316 -6.59 28.40 8.25
C ASN A 316 -5.57 28.96 7.27
N MET A 317 -5.53 28.38 6.07
CA MET A 317 -4.54 28.72 5.06
C MET A 317 -5.24 29.01 3.74
N THR A 318 -4.97 30.17 3.16
CA THR A 318 -5.56 30.58 1.90
C THR A 318 -4.48 30.68 0.83
N LEU A 319 -4.62 29.88 -0.22
CA LEU A 319 -3.73 29.97 -1.37
C LEU A 319 -4.40 30.82 -2.44
N HIS A 320 -3.60 31.64 -3.12
CA HIS A 320 -4.11 32.65 -4.05
C HIS A 320 -3.41 32.43 -5.39
N CYS A 321 -4.14 31.89 -6.37
CA CYS A 321 -3.63 31.72 -7.72
C CYS A 321 -4.29 32.75 -8.62
N ALA A 322 -3.48 33.62 -9.20
CA ALA A 322 -4.00 34.73 -9.98
C ALA A 322 -3.26 34.85 -11.29
N SER A 323 -3.91 35.51 -12.25
CA SER A 323 -3.29 35.73 -13.55
C SER A 323 -3.97 36.90 -14.26
N ASP A 324 -3.20 37.61 -15.07
CA ASP A 324 -3.74 38.71 -15.87
C ASP A 324 -4.57 38.22 -17.04
N PHE A 325 -4.56 36.93 -17.33
CA PHE A 325 -5.20 36.38 -18.52
C PHE A 325 -6.52 35.71 -18.14
N HIS A 326 -7.44 35.67 -19.11
CA HIS A 326 -8.79 35.17 -18.88
C HIS A 326 -8.79 33.65 -18.98
N TYR A 327 -8.38 33.00 -17.89
CA TYR A 327 -8.55 31.56 -17.75
C TYR A 327 -9.92 31.26 -17.14
N ASP A 328 -10.33 30.00 -17.27
CA ASP A 328 -11.62 29.58 -16.74
C ASP A 328 -11.51 29.03 -15.32
N LYS A 329 -10.54 28.15 -15.08
CA LYS A 329 -10.37 27.56 -13.77
C LYS A 329 -8.90 27.36 -13.47
N PHE A 330 -8.59 27.19 -12.18
CA PHE A 330 -7.25 26.91 -11.69
C PHE A 330 -7.28 25.62 -10.87
N ILE A 331 -6.13 24.93 -10.86
CA ILE A 331 -5.98 23.67 -10.16
C ILE A 331 -4.65 23.64 -9.44
N LEU A 332 -4.65 23.14 -8.21
CA LEU A 332 -3.45 23.01 -7.38
C LEU A 332 -2.87 21.62 -7.54
N THR A 333 -1.53 21.55 -7.54
CA THR A 333 -0.81 20.27 -7.63
C THR A 333 0.23 20.24 -6.53
N LYS A 334 0.12 19.24 -5.65
CA LYS A 334 1.18 18.93 -4.70
C LYS A 334 2.21 18.03 -5.35
N GLU A 335 3.48 18.33 -5.13
CA GLU A 335 4.62 17.65 -5.78
C GLU A 335 4.38 17.79 -7.28
N ASP A 336 4.34 16.72 -8.06
CA ASP A 336 3.87 16.76 -9.44
C ASP A 336 2.54 16.04 -9.60
N LYS A 337 1.84 15.74 -8.50
CA LYS A 337 0.61 14.99 -8.49
C LYS A 337 -0.57 15.90 -8.19
N LYS A 338 -1.77 15.36 -8.31
CA LYS A 338 -2.98 16.12 -8.09
C LYS A 338 -3.32 16.22 -6.61
N PHE A 339 -4.09 17.25 -6.27
CA PHE A 339 -4.63 17.42 -4.93
C PHE A 339 -5.74 18.47 -4.98
N GLY A 340 -6.77 18.28 -4.16
CA GLY A 340 -7.88 19.20 -4.11
C GLY A 340 -8.81 19.06 -5.30
N ASN A 341 -9.25 20.19 -5.85
CA ASN A 341 -10.11 20.17 -7.03
C ASN A 341 -10.11 21.57 -7.64
N SER A 342 -10.72 21.67 -8.82
CA SER A 342 -10.73 22.92 -9.57
C SER A 342 -11.70 23.92 -8.96
N LEU A 343 -11.39 25.20 -9.13
CA LEU A 343 -12.24 26.29 -8.67
C LEU A 343 -12.34 27.34 -9.76
N ASP A 344 -13.47 28.05 -9.77
CA ASP A 344 -13.75 29.02 -10.81
C ASP A 344 -12.89 30.27 -10.66
N THR A 345 -12.54 30.87 -11.78
CA THR A 345 -11.84 32.15 -11.78
C THR A 345 -12.84 33.27 -11.48
N GLU A 346 -12.30 34.41 -11.05
CA GLU A 346 -13.10 35.55 -10.64
C GLU A 346 -12.45 36.83 -11.13
N HIS A 347 -13.13 37.54 -12.03
CA HIS A 347 -12.62 38.79 -12.59
C HIS A 347 -12.77 39.89 -11.54
N ILE A 348 -11.66 40.43 -11.07
CA ILE A 348 -11.65 41.51 -10.10
C ILE A 348 -11.57 42.84 -10.84
N SER A 349 -12.36 43.81 -10.37
CA SER A 349 -12.46 45.08 -11.07
C SER A 349 -11.23 45.96 -10.86
N SER A 350 -10.72 46.00 -9.63
CA SER A 350 -9.69 46.98 -9.29
C SER A 350 -8.30 46.56 -9.76
N SER A 351 -7.93 45.30 -9.54
CA SER A 351 -6.56 44.84 -9.74
C SER A 351 -6.30 44.28 -11.14
N ARG A 352 -7.27 44.37 -12.05
CA ARG A 352 -7.11 43.90 -13.43
C ARG A 352 -6.74 42.42 -13.49
N GLN A 353 -7.13 41.65 -12.48
CA GLN A 353 -6.68 40.28 -12.32
C GLN A 353 -7.84 39.30 -12.37
N TYR A 354 -7.49 38.05 -12.65
CA TYR A 354 -8.39 36.91 -12.52
C TYR A 354 -7.87 36.08 -11.35
N ARG A 355 -8.73 35.87 -10.35
CA ARG A 355 -8.34 35.41 -9.03
C ARG A 355 -8.92 34.02 -8.75
N ALA A 356 -8.22 33.26 -7.90
CA ALA A 356 -8.74 32.00 -7.40
C ALA A 356 -8.24 31.79 -5.97
N LEU A 357 -9.18 31.49 -5.07
CA LEU A 357 -8.94 31.45 -3.63
C LEU A 357 -9.18 30.02 -3.15
N PHE A 358 -8.10 29.32 -2.80
CA PHE A 358 -8.17 27.95 -2.34
C PHE A 358 -8.09 27.93 -0.81
N ILE A 359 -9.14 27.43 -0.17
CA ILE A 359 -9.26 27.42 1.28
C ILE A 359 -8.83 26.05 1.79
N ILE A 360 -7.99 26.04 2.84
CA ILE A 360 -7.64 24.81 3.53
C ILE A 360 -7.69 25.08 5.03
N GLY A 361 -8.60 24.41 5.73
CA GLY A 361 -8.74 24.56 7.15
C GLY A 361 -9.54 23.43 7.76
N PRO A 362 -8.96 22.74 8.75
CA PRO A 362 -7.67 23.02 9.38
C PRO A 362 -6.47 22.54 8.56
N THR A 363 -5.27 22.88 9.01
CA THR A 363 -4.02 22.53 8.32
C THR A 363 -3.44 21.28 8.95
N THR A 364 -3.61 20.15 8.26
CA THR A 364 -3.07 18.88 8.71
C THR A 364 -1.60 18.75 8.32
N PRO A 365 -0.82 17.96 9.07
CA PRO A 365 0.60 17.80 8.72
C PRO A 365 0.86 17.25 7.33
N THR A 366 -0.16 16.68 6.67
CA THR A 366 0.01 16.15 5.33
C THR A 366 0.07 17.24 4.26
N HIS A 367 -0.28 18.48 4.60
CA HIS A 367 -0.24 19.57 3.63
C HIS A 367 1.17 20.08 3.36
N THR A 368 2.16 19.66 4.15
CA THR A 368 3.54 20.08 3.92
C THR A 368 4.05 19.54 2.60
N GLY A 369 4.36 20.43 1.66
CA GLY A 369 4.79 20.00 0.34
C GLY A 369 5.16 21.12 -0.61
N THR A 370 5.04 20.86 -1.91
CA THR A 370 5.45 21.79 -2.95
C THR A 370 4.26 21.98 -3.90
N PHE A 371 3.58 23.12 -3.79
CA PHE A 371 2.36 23.38 -4.54
C PHE A 371 2.65 24.25 -5.76
N ARG A 372 2.03 23.88 -6.88
CA ARG A 372 2.06 24.66 -8.11
C ARG A 372 0.65 24.73 -8.67
N CYS A 373 0.21 25.90 -9.10
CA CYS A 373 -1.14 26.06 -9.64
C CYS A 373 -1.10 26.28 -11.15
N TYR A 374 -2.03 25.63 -11.85
CA TYR A 374 -2.18 25.71 -13.29
C TYR A 374 -3.54 26.28 -13.63
N GLY A 375 -3.66 26.80 -14.85
CA GLY A 375 -4.90 27.35 -15.35
C GLY A 375 -5.34 26.67 -16.63
N TYR A 376 -6.66 26.55 -16.80
CA TYR A 376 -7.20 25.84 -17.96
C TYR A 376 -8.63 26.32 -18.21
N PHE A 377 -9.22 25.82 -19.29
CA PHE A 377 -10.53 26.20 -19.77
C PHE A 377 -11.52 25.06 -19.62
N LYS A 378 -12.82 25.40 -19.60
CA LYS A 378 -13.85 24.40 -19.40
C LYS A 378 -13.94 23.44 -20.59
N ASN A 379 -13.88 23.96 -21.81
CA ASN A 379 -14.04 23.13 -22.99
C ASN A 379 -12.82 22.27 -23.30
N ALA A 380 -11.70 22.53 -22.63
CA ALA A 380 -10.48 21.71 -22.76
C ALA A 380 -9.98 21.40 -21.36
N PRO A 381 -10.62 20.46 -20.66
CA PRO A 381 -10.27 20.22 -19.25
C PRO A 381 -8.89 19.61 -19.04
N GLN A 382 -8.24 19.10 -20.08
CA GLN A 382 -6.94 18.46 -19.94
C GLN A 382 -5.79 19.31 -20.47
N LEU A 383 -6.08 20.48 -21.04
CA LEU A 383 -5.05 21.36 -21.61
C LEU A 383 -4.80 22.50 -20.63
N TRP A 384 -3.64 22.48 -19.98
CA TRP A 384 -3.32 23.38 -18.89
C TRP A 384 -2.27 24.41 -19.33
N SER A 385 -2.06 25.40 -18.46
CA SER A 385 -1.11 26.46 -18.70
C SER A 385 0.27 26.06 -18.18
N VAL A 386 1.17 27.03 -18.07
CA VAL A 386 2.52 26.81 -17.58
C VAL A 386 2.48 26.70 -16.05
N PRO A 387 3.30 25.85 -15.44
CA PRO A 387 3.36 25.82 -13.97
C PRO A 387 3.89 27.15 -13.43
N SER A 388 3.19 27.67 -12.42
CA SER A 388 3.66 28.86 -11.74
C SER A 388 4.95 28.58 -10.99
N ASP A 389 5.68 29.65 -10.67
CA ASP A 389 6.84 29.51 -9.82
C ASP A 389 6.42 28.96 -8.46
N LEU A 390 7.01 27.83 -8.10
CA LEU A 390 6.42 26.97 -7.06
C LEU A 390 6.39 27.66 -5.70
N GLN A 391 5.44 27.23 -4.87
CA GLN A 391 5.32 27.72 -3.51
C GLN A 391 5.40 26.52 -2.56
N GLN A 392 6.32 26.57 -1.62
CA GLN A 392 6.51 25.46 -0.69
C GLN A 392 5.80 25.78 0.62
N ILE A 393 5.29 24.71 1.26
CA ILE A 393 4.49 24.83 2.47
C ILE A 393 5.04 23.89 3.53
N LEU A 394 5.24 24.42 4.74
CA LEU A 394 5.69 23.63 5.89
C LEU A 394 4.75 23.91 7.05
N ILE A 395 4.58 22.90 7.91
CA ILE A 395 3.68 22.99 9.05
C ILE A 395 4.39 22.43 10.27
N SER A 396 4.44 23.23 11.34
CA SER A 396 5.10 22.86 12.59
C SER A 396 4.06 22.63 13.68
N GLY A 397 4.53 22.55 14.92
CA GLY A 397 3.60 22.48 16.04
C GLY A 397 4.12 21.88 17.32
N LEU A 398 4.54 20.61 17.28
CA LEU A 398 4.76 19.83 18.49
C LEU A 398 6.11 19.14 18.46
N SER A 399 7.05 19.64 19.27
CA SER A 399 8.33 19.02 19.59
C SER A 399 9.23 20.03 20.30
N LYS A 400 10.50 19.66 20.52
CA LYS A 400 11.45 20.57 21.13
C LYS A 400 11.86 21.65 20.13
N LYS A 401 12.04 22.86 20.63
CA LYS A 401 12.39 23.98 19.73
C LYS A 401 13.87 23.90 19.36
N PRO A 402 14.19 23.92 18.07
CA PRO A 402 15.61 23.92 17.67
C PRO A 402 16.20 25.32 17.65
N SER A 403 16.93 25.67 18.70
CA SER A 403 17.49 27.02 18.80
C SER A 403 18.54 27.27 17.73
N LEU A 404 18.74 28.54 17.42
CA LEU A 404 19.65 28.96 16.36
C LEU A 404 20.95 29.48 16.95
N LEU A 405 22.08 29.12 16.31
CA LEU A 405 23.37 29.60 16.77
C LEU A 405 23.61 31.05 16.37
N THR A 406 23.20 31.43 15.16
CA THR A 406 23.25 32.82 14.69
C THR A 406 24.67 33.38 14.78
N HIS A 407 25.66 32.56 14.44
CA HIS A 407 27.05 32.96 14.60
C HIS A 407 27.40 34.05 13.59
N GLN A 408 28.68 34.43 13.54
CA GLN A 408 29.15 35.58 12.77
C GLN A 408 28.47 36.87 13.21
N GLY A 409 28.19 36.98 14.51
CA GLY A 409 27.61 38.18 15.07
C GLY A 409 26.10 38.26 14.93
N HIS A 410 25.56 39.32 15.52
CA HIS A 410 24.12 39.58 15.49
C HIS A 410 23.74 40.72 14.57
N ILE A 411 24.64 41.68 14.36
CA ILE A 411 24.42 42.80 13.46
C ILE A 411 25.52 42.77 12.40
N LEU A 412 25.16 43.06 11.16
CA LEU A 412 26.10 42.94 10.06
C LEU A 412 26.10 44.21 9.21
N ASP A 413 27.28 44.57 8.71
CA ASP A 413 27.42 45.64 7.72
C ASP A 413 27.53 45.05 6.32
N PRO A 414 26.98 45.69 5.29
CA PRO A 414 27.23 45.23 3.92
C PRO A 414 28.67 45.46 3.50
N GLY A 415 29.22 44.53 2.73
CA GLY A 415 28.66 43.21 2.51
C GLY A 415 29.49 42.14 3.18
N MET A 416 28.90 41.41 4.13
CA MET A 416 29.57 40.31 4.82
C MET A 416 28.88 38.99 4.47
N THR A 417 29.65 37.91 4.55
CA THR A 417 29.10 36.58 4.31
C THR A 417 28.48 36.08 5.61
N LEU A 418 27.15 35.92 5.60
CA LEU A 418 26.43 35.47 6.78
C LEU A 418 26.10 33.98 6.68
N THR A 419 26.26 33.27 7.81
CA THR A 419 25.83 31.89 7.92
C THR A 419 24.99 31.73 9.17
N LEU A 420 24.02 30.82 9.08
CA LEU A 420 23.13 30.51 10.20
C LEU A 420 23.22 29.01 10.49
N GLN A 421 23.57 28.68 11.74
CA GLN A 421 23.63 27.30 12.18
C GLN A 421 22.46 27.01 13.11
N CYS A 422 21.82 25.86 12.90
CA CYS A 422 20.64 25.48 13.66
C CYS A 422 20.90 24.16 14.38
N TYR A 423 20.72 24.16 15.69
CA TYR A 423 21.01 23.00 16.52
C TYR A 423 19.78 22.64 17.35
N SER A 424 19.80 21.42 17.89
CA SER A 424 18.73 20.96 18.77
C SER A 424 19.25 19.79 19.58
N ASP A 425 18.56 19.52 20.70
CA ASP A 425 18.94 18.40 21.56
C ASP A 425 18.60 17.08 20.91
N ILE A 426 17.38 16.97 20.35
CA ILE A 426 16.96 15.73 19.71
C ILE A 426 17.68 15.58 18.37
N ASN A 427 18.14 14.37 18.08
CA ASN A 427 18.89 14.09 16.86
C ASN A 427 17.93 14.09 15.67
N TYR A 428 17.58 15.29 15.22
CA TYR A 428 16.78 15.42 14.01
C TYR A 428 17.65 15.15 12.78
N ASP A 429 17.03 14.57 11.76
CA ASP A 429 17.72 14.22 10.52
C ASP A 429 17.62 15.30 9.46
N ARG A 430 16.86 16.35 9.69
CA ARG A 430 16.60 17.35 8.66
C ARG A 430 16.20 18.66 9.33
N PHE A 431 16.73 19.78 8.81
CA PHE A 431 16.44 21.09 9.36
C PHE A 431 15.94 22.02 8.26
N ALA A 432 15.18 23.03 8.67
CA ALA A 432 14.57 23.98 7.76
C ALA A 432 14.68 25.39 8.35
N LEU A 433 14.87 26.36 7.48
CA LEU A 433 15.03 27.76 7.85
C LEU A 433 14.04 28.61 7.06
N HIS A 434 13.50 29.65 7.71
CA HIS A 434 12.54 30.52 7.06
C HIS A 434 12.61 31.91 7.65
N LYS A 435 12.45 32.92 6.80
CA LYS A 435 12.48 34.32 7.20
C LYS A 435 11.05 34.85 7.28
N VAL A 436 10.73 35.55 8.37
CA VAL A 436 9.39 36.09 8.56
C VAL A 436 9.11 37.14 7.49
N GLY A 437 7.89 37.10 6.95
CA GLY A 437 7.52 37.98 5.87
C GLY A 437 8.00 37.57 4.50
N GLY A 438 8.51 36.34 4.37
CA GLY A 438 9.00 35.84 3.10
C GLY A 438 8.14 34.71 2.55
N ALA A 439 8.57 34.21 1.40
CA ALA A 439 7.87 33.13 0.72
C ALA A 439 8.74 31.92 0.42
N ASP A 440 10.05 32.00 0.65
CA ASP A 440 10.98 30.91 0.36
C ASP A 440 11.38 30.22 1.66
N ILE A 441 11.50 28.89 1.60
CA ILE A 441 11.91 28.08 2.73
C ILE A 441 13.13 27.27 2.29
N MET A 442 14.07 27.05 3.22
CA MET A 442 15.29 26.31 2.92
C MET A 442 15.35 25.06 3.78
N GLN A 443 15.86 23.97 3.21
CA GLN A 443 15.96 22.70 3.93
C GLN A 443 17.32 22.08 3.66
N HIS A 444 17.84 21.38 4.67
CA HIS A 444 19.10 20.66 4.51
C HIS A 444 19.19 19.51 5.49
N SER A 445 19.94 18.48 5.09
CA SER A 445 20.13 17.31 5.92
C SER A 445 21.23 17.57 6.95
N SER A 446 20.95 17.24 8.20
CA SER A 446 21.87 17.51 9.29
C SER A 446 23.04 16.54 9.30
N GLN A 447 24.19 17.02 9.77
CA GLN A 447 25.38 16.20 9.97
C GLN A 447 25.56 15.92 11.46
N GLN A 448 26.22 14.80 11.75
CA GLN A 448 26.41 14.34 13.11
C GLN A 448 27.71 14.90 13.68
N THR A 449 27.61 15.73 14.71
CA THR A 449 28.76 16.38 15.30
C THR A 449 29.41 15.47 16.34
N ASP A 450 30.54 15.94 16.87
CA ASP A 450 31.26 15.19 17.89
C ASP A 450 30.58 15.25 19.26
N THR A 451 29.75 16.27 19.50
CA THR A 451 29.14 16.42 20.82
C THR A 451 28.09 15.33 21.08
N GLY A 452 27.32 14.97 20.06
CA GLY A 452 26.33 13.93 20.20
C GLY A 452 24.94 14.34 19.78
N PHE A 453 24.84 15.27 18.83
CA PHE A 453 23.56 15.67 18.26
C PHE A 453 23.83 16.27 16.88
N SER A 454 22.78 16.78 16.25
CA SER A 454 22.83 17.20 14.85
C SER A 454 22.75 18.72 14.76
N VAL A 455 23.53 19.28 13.84
CA VAL A 455 23.56 20.72 13.57
C VAL A 455 23.47 20.90 12.06
N ALA A 456 22.86 22.01 11.65
CA ALA A 456 22.65 22.32 10.24
C ALA A 456 23.37 23.60 9.88
N ASN A 457 24.13 23.56 8.79
CA ASN A 457 24.89 24.68 8.28
C ASN A 457 24.11 25.35 7.13
N PHE A 458 23.82 26.64 7.27
CA PHE A 458 23.10 27.42 6.26
C PHE A 458 23.97 28.57 5.79
N THR A 459 24.22 28.63 4.49
CA THR A 459 25.07 29.66 3.88
C THR A 459 24.18 30.65 3.13
N LEU A 460 24.13 31.89 3.61
CA LEU A 460 23.49 32.97 2.89
C LEU A 460 24.51 33.70 2.04
N GLY A 461 24.02 34.48 1.08
CA GLY A 461 24.87 35.19 0.14
C GLY A 461 25.36 36.52 0.67
N TYR A 462 25.60 37.44 -0.26
CA TYR A 462 25.97 38.81 0.07
C TYR A 462 24.90 39.43 0.97
N VAL A 463 25.31 39.89 2.15
CA VAL A 463 24.38 40.60 3.02
C VAL A 463 23.99 41.91 2.35
N SER A 464 22.70 42.06 2.07
CA SER A 464 22.16 43.21 1.36
C SER A 464 21.09 43.89 2.21
N SER A 465 20.41 44.86 1.60
CA SER A 465 19.33 45.56 2.29
C SER A 465 18.20 44.61 2.70
N SER A 466 17.96 43.56 1.92
CA SER A 466 16.81 42.69 2.16
C SER A 466 17.07 41.63 3.23
N THR A 467 18.33 41.34 3.54
CA THR A 467 18.64 40.23 4.44
C THR A 467 18.29 40.52 5.90
N GLY A 468 17.94 41.77 6.24
CA GLY A 468 17.61 42.10 7.62
C GLY A 468 16.17 41.78 7.93
N GLY A 469 15.94 41.01 8.99
CA GLY A 469 14.59 40.66 9.35
C GLY A 469 14.49 39.69 10.50
N GLN A 470 13.46 38.85 10.48
CA GLN A 470 13.20 37.87 11.53
C GLN A 470 13.27 36.46 10.95
N TYR A 471 14.04 35.60 11.61
CA TYR A 471 14.32 34.25 11.13
C TYR A 471 13.93 33.21 12.17
N ARG A 472 13.50 32.04 11.68
CA ARG A 472 13.10 30.93 12.52
C ARG A 472 13.57 29.62 11.87
N CYS A 473 13.74 28.60 12.72
CA CYS A 473 14.24 27.30 12.31
C CYS A 473 13.33 26.19 12.81
N TYR A 474 13.36 25.06 12.10
CA TYR A 474 12.51 23.91 12.39
C TYR A 474 13.32 22.64 12.16
N GLY A 475 12.90 21.56 12.81
CA GLY A 475 13.61 20.29 12.69
C GLY A 475 12.65 19.13 12.60
N ALA A 476 13.09 18.07 11.92
CA ALA A 476 12.28 16.87 11.76
C ALA A 476 13.18 15.69 11.44
N HIS A 477 12.62 14.49 11.59
CA HIS A 477 13.31 13.25 11.30
C HIS A 477 13.20 12.90 9.82
N ASN A 478 13.84 11.80 9.43
CA ASN A 478 13.75 11.34 8.05
C ASN A 478 12.37 10.79 7.72
N LEU A 479 11.83 9.95 8.60
CA LEU A 479 10.52 9.34 8.31
C LEU A 479 9.36 10.25 8.70
N SER A 480 9.57 11.13 9.68
CA SER A 480 8.47 11.92 10.22
C SER A 480 8.05 13.01 9.24
N SER A 481 6.73 13.15 9.05
CA SER A 481 6.16 14.23 8.25
C SER A 481 5.74 15.43 9.09
N GLU A 482 5.74 15.29 10.41
CA GLU A 482 5.36 16.38 11.31
C GLU A 482 6.61 17.13 11.75
N TRP A 483 6.61 18.45 11.56
CA TRP A 483 7.75 19.27 11.90
C TRP A 483 7.62 19.85 13.30
N SER A 484 8.75 20.27 13.85
CA SER A 484 8.82 20.74 15.23
C SER A 484 8.53 22.23 15.31
N ALA A 485 8.03 22.65 16.47
CA ALA A 485 7.81 24.07 16.72
C ALA A 485 9.11 24.84 16.59
N SER A 486 9.00 26.08 16.12
CA SER A 486 10.18 26.86 15.81
C SER A 486 10.86 27.34 17.09
N SER A 487 12.10 27.79 16.94
CA SER A 487 12.80 28.45 18.03
C SER A 487 12.34 29.90 18.13
N GLU A 488 12.65 30.52 19.27
CA GLU A 488 12.29 31.90 19.46
C GLU A 488 13.09 32.78 18.51
N PRO A 489 12.51 33.88 18.02
CA PRO A 489 12.97 34.47 16.76
C PRO A 489 14.38 35.04 16.84
N LEU A 490 15.12 34.89 15.74
CA LEU A 490 16.38 35.60 15.55
C LEU A 490 16.12 36.89 14.79
N ASP A 491 16.68 37.99 15.28
CA ASP A 491 16.56 39.29 14.63
C ASP A 491 17.88 39.65 13.99
N ILE A 492 17.94 39.63 12.66
CA ILE A 492 19.11 40.02 11.90
C ILE A 492 18.97 41.49 11.52
N LEU A 493 19.99 42.28 11.82
CA LEU A 493 19.97 43.73 11.63
C LEU A 493 21.05 44.14 10.65
N ILE A 494 20.73 45.12 9.80
CA ILE A 494 21.62 45.62 8.77
C ILE A 494 21.92 47.09 9.06
N THR A 495 23.19 47.44 9.07
CA THR A 495 23.65 48.80 9.28
C THR A 495 24.13 49.39 7.96
N GLY A 496 24.49 50.67 7.99
CA GLY A 496 24.90 51.34 6.78
C GLY A 496 23.78 51.56 5.78
N GLN A 497 22.54 51.60 6.25
CA GLN A 497 21.37 51.81 5.40
C GLN A 497 20.76 53.19 5.53
N LEU A 498 20.63 53.70 6.75
CA LEU A 498 20.11 55.04 6.98
C LEU A 498 21.25 56.06 6.90
N PRO A 499 21.01 57.20 6.26
CA PRO A 499 22.08 58.20 6.09
C PRO A 499 22.64 58.74 7.40
N LEU A 500 21.88 58.71 8.49
CA LEU A 500 22.29 59.35 9.73
C LEU A 500 23.42 58.56 10.40
N THR A 501 24.29 59.29 11.09
CA THR A 501 25.47 58.71 11.73
C THR A 501 25.59 59.23 13.16
N PRO A 502 25.44 58.38 14.17
CA PRO A 502 25.60 58.84 15.56
C PRO A 502 27.03 58.72 16.06
N SER A 503 27.25 59.10 17.33
CA SER A 503 28.52 58.94 18.01
C SER A 503 28.24 58.56 19.46
N LEU A 504 29.30 58.28 20.22
CA LEU A 504 29.15 57.68 21.55
C LEU A 504 29.91 58.48 22.60
N SER A 505 29.53 58.27 23.86
CA SER A 505 30.25 58.79 25.02
C SER A 505 29.93 57.93 26.23
N VAL A 506 30.67 58.20 27.32
CA VAL A 506 30.42 57.59 28.62
C VAL A 506 30.47 58.68 29.68
N LYS A 507 29.95 58.36 30.87
CA LYS A 507 29.92 59.33 31.95
C LYS A 507 31.04 59.13 32.97
N PRO A 508 31.23 57.95 33.54
CA PRO A 508 32.29 57.76 34.53
C PRO A 508 33.64 57.59 33.85
N ASN A 509 34.66 57.34 34.68
CA ASN A 509 36.02 57.18 34.19
C ASN A 509 36.14 55.91 33.35
N HIS A 510 37.22 55.84 32.57
CA HIS A 510 37.44 54.67 31.73
C HIS A 510 37.88 53.46 32.54
N THR A 511 38.76 53.67 33.53
CA THR A 511 39.32 52.58 34.32
C THR A 511 38.58 52.50 35.65
N VAL A 512 37.37 51.93 35.58
CA VAL A 512 36.52 51.78 36.75
C VAL A 512 36.82 50.44 37.43
N HIS A 513 36.51 50.37 38.72
CA HIS A 513 36.59 49.12 39.45
C HIS A 513 35.41 48.21 39.06
N SER A 514 35.52 46.94 39.44
CA SER A 514 34.59 45.92 38.98
C SER A 514 33.29 45.90 39.79
N GLY A 515 32.86 47.06 40.27
CA GLY A 515 31.60 47.16 40.97
C GLY A 515 30.88 48.47 40.72
N GLU A 516 31.32 49.21 39.71
CA GLU A 516 30.81 50.55 39.45
C GLU A 516 29.52 50.48 38.65
N THR A 517 28.98 51.66 38.33
CA THR A 517 27.85 51.82 37.42
C THR A 517 28.26 52.76 36.29
N VAL A 518 27.88 52.42 35.07
CA VAL A 518 28.34 53.11 33.87
C VAL A 518 27.14 53.40 32.99
N SER A 519 26.73 54.66 32.93
CA SER A 519 25.71 55.10 31.98
C SER A 519 26.40 55.74 30.78
N LEU A 520 25.97 55.35 29.58
CA LEU A 520 26.56 55.86 28.35
C LEU A 520 25.45 56.42 27.47
N LEU A 521 25.81 57.36 26.59
CA LEU A 521 24.82 58.09 25.83
C LEU A 521 25.28 58.27 24.38
N CYS A 522 24.33 58.12 23.46
CA CYS A 522 24.52 58.47 22.06
C CYS A 522 23.26 59.17 21.55
N TRP A 523 23.44 60.30 20.87
CA TRP A 523 22.30 61.00 20.30
C TRP A 523 22.63 61.53 18.92
N SER A 524 21.58 61.96 18.21
CA SER A 524 21.72 62.57 16.91
C SER A 524 20.74 63.74 16.80
N MET A 525 21.18 64.83 16.18
CA MET A 525 20.32 65.99 16.01
C MET A 525 19.14 65.69 15.10
N ASP A 526 19.34 64.80 14.12
CA ASP A 526 18.24 64.38 13.26
C ASP A 526 17.31 63.42 13.99
N SER A 527 16.13 63.23 13.42
CA SER A 527 15.10 62.43 14.08
C SER A 527 15.51 60.96 14.12
N VAL A 528 15.57 60.38 15.31
CA VAL A 528 15.86 58.97 15.52
C VAL A 528 14.90 58.44 16.57
N ASP A 529 14.24 57.32 16.27
CA ASP A 529 13.24 56.78 17.17
C ASP A 529 13.85 55.87 18.24
N THR A 530 14.73 54.96 17.84
CA THR A 530 15.33 54.01 18.76
C THR A 530 16.84 53.97 18.57
N PHE A 531 17.55 53.64 19.64
CA PHE A 531 18.99 53.48 19.63
C PHE A 531 19.37 52.07 20.08
N ILE A 532 20.55 51.63 19.68
CA ILE A 532 21.02 50.27 19.92
C ILE A 532 22.49 50.31 20.29
N LEU A 533 22.87 49.51 21.29
CA LEU A 533 24.25 49.40 21.76
C LEU A 533 24.84 48.08 21.28
N SER A 534 26.07 48.12 20.79
CA SER A 534 26.73 46.95 20.22
C SER A 534 28.15 46.81 20.74
N LYS A 535 28.53 45.57 21.04
CA LYS A 535 29.85 45.21 21.51
C LYS A 535 30.55 44.35 20.47
N GLU A 536 31.88 44.44 20.42
CA GLU A 536 32.65 43.64 19.49
C GLU A 536 32.51 42.15 19.82
N GLY A 537 31.95 41.40 18.88
CA GLY A 537 31.69 39.98 19.11
C GLY A 537 30.60 39.73 20.12
N SER A 538 29.54 40.53 20.08
CA SER A 538 28.45 40.43 21.05
C SER A 538 27.64 39.17 20.76
N ALA A 539 27.81 38.13 21.59
CA ALA A 539 27.04 36.91 21.45
C ALA A 539 25.58 37.10 21.80
N GLN A 540 25.26 38.13 22.57
CA GLN A 540 23.91 38.36 23.06
C GLN A 540 23.14 39.31 22.14
N GLN A 541 21.83 39.31 22.29
CA GLN A 541 21.00 40.27 21.58
C GLN A 541 21.26 41.67 22.14
N PRO A 542 21.48 42.67 21.29
CA PRO A 542 21.69 44.02 21.81
C PRO A 542 20.39 44.62 22.33
N LEU A 543 20.54 45.53 23.29
CA LEU A 543 19.38 46.21 23.87
C LEU A 543 18.97 47.38 22.99
N ARG A 544 17.68 47.49 22.74
CA ARG A 544 17.12 48.55 21.91
C ARG A 544 16.27 49.46 22.79
N LEU A 545 16.58 50.76 22.76
CA LEU A 545 16.00 51.72 23.69
C LEU A 545 15.31 52.84 22.95
N LYS A 546 14.31 53.40 23.62
CA LYS A 546 13.46 54.47 23.13
C LYS A 546 14.22 55.80 23.19
N SER A 547 13.73 56.79 22.46
CA SER A 547 14.40 58.08 22.36
C SER A 547 13.45 59.19 22.77
N LYS A 548 13.80 59.91 23.81
CA LYS A 548 13.15 61.17 24.16
C LYS A 548 14.10 62.31 23.86
N SER A 549 13.56 63.39 23.29
CA SER A 549 14.37 64.50 22.80
C SER A 549 14.49 65.56 23.90
N HIS A 550 15.69 65.73 24.45
CA HIS A 550 15.96 66.80 25.40
C HIS A 550 15.79 68.15 24.69
N ASP A 551 16.69 68.45 23.77
CA ASP A 551 16.52 69.60 22.87
C ASP A 551 15.89 69.13 21.58
N GLN A 552 16.38 69.63 20.44
CA GLN A 552 16.00 69.06 19.16
C GLN A 552 16.70 67.75 18.86
N GLN A 553 17.68 67.38 19.67
CA GLN A 553 18.40 66.13 19.51
C GLN A 553 17.64 64.96 20.11
N SER A 554 17.73 63.80 19.48
CA SER A 554 17.12 62.58 19.98
C SER A 554 18.20 61.69 20.58
N GLN A 555 18.01 61.26 21.83
CA GLN A 555 19.02 60.58 22.63
C GLN A 555 18.43 59.36 23.30
N ALA A 556 19.31 58.61 23.97
CA ALA A 556 18.91 57.43 24.73
C ALA A 556 20.06 57.02 25.66
N GLU A 557 19.79 56.98 26.95
CA GLU A 557 20.77 56.54 27.94
C GLU A 557 20.75 55.02 28.07
N PHE A 558 21.94 54.42 28.11
CA PHE A 558 22.12 53.00 28.37
C PHE A 558 22.82 52.87 29.73
N SER A 559 22.08 52.39 30.72
CA SER A 559 22.62 52.19 32.06
C SER A 559 23.22 50.80 32.20
N MET A 560 24.31 50.71 32.95
CA MET A 560 24.96 49.44 33.27
C MET A 560 25.06 49.31 34.78
N SER A 561 24.49 48.24 35.31
CA SER A 561 24.50 47.98 36.75
C SER A 561 25.34 46.74 37.04
N ALA A 562 26.17 46.84 38.08
CA ALA A 562 27.04 45.74 38.51
C ALA A 562 27.96 45.28 37.37
N VAL A 563 28.78 46.22 36.91
CA VAL A 563 29.69 45.90 35.81
C VAL A 563 30.79 44.96 36.30
N THR A 564 31.37 44.24 35.35
CA THR A 564 32.42 43.26 35.65
C THR A 564 33.51 43.35 34.60
N SER A 565 34.66 42.76 34.92
CA SER A 565 35.78 42.72 33.98
C SER A 565 35.54 41.72 32.86
N HIS A 566 34.60 40.79 33.04
CA HIS A 566 34.21 39.90 31.95
C HIS A 566 33.71 40.70 30.76
N LEU A 567 32.88 41.72 31.01
CA LEU A 567 32.51 42.67 29.97
C LEU A 567 33.71 43.58 29.68
N SER A 568 34.50 43.24 28.67
CA SER A 568 35.63 44.08 28.29
C SER A 568 35.19 45.51 28.06
N GLY A 569 34.11 45.69 27.30
CA GLY A 569 33.52 47.00 27.14
C GLY A 569 32.40 46.95 26.12
N THR A 570 31.74 48.10 25.99
CA THR A 570 30.74 48.33 24.96
C THR A 570 31.28 49.40 24.01
N TYR A 571 31.14 49.16 22.70
CA TYR A 571 31.95 49.87 21.73
C TYR A 571 31.16 50.85 20.87
N ARG A 572 30.09 50.42 20.20
CA ARG A 572 29.45 51.28 19.20
C ARG A 572 27.96 51.41 19.45
N CYS A 573 27.37 52.43 18.82
CA CYS A 573 25.94 52.73 18.94
C CYS A 573 25.35 52.97 17.56
N TYR A 574 24.16 52.42 17.32
CA TYR A 574 23.43 52.56 16.07
C TYR A 574 22.06 53.16 16.34
N GLY A 575 21.41 53.60 15.26
CA GLY A 575 20.08 54.17 15.37
C GLY A 575 19.12 53.50 14.41
N ALA A 576 17.82 53.72 14.65
CA ALA A 576 16.76 53.18 13.81
C ALA A 576 15.49 53.96 14.08
N GLN A 577 14.49 53.75 13.23
CA GLN A 577 13.20 54.43 13.34
C GLN A 577 12.07 53.42 13.37
N ASN A 578 10.88 53.91 13.71
CA ASN A 578 9.68 53.08 13.64
C ASN A 578 9.30 52.74 12.20
N SER A 579 9.73 53.56 11.23
CA SER A 579 9.44 53.26 9.83
C SER A 579 10.00 51.91 9.44
N SER A 580 11.22 51.59 9.87
CA SER A 580 11.83 50.29 9.61
C SER A 580 12.49 49.82 10.91
N PHE A 581 11.92 48.78 11.51
CA PHE A 581 12.35 48.36 12.84
C PHE A 581 13.69 47.63 12.82
N TYR A 582 14.06 47.03 11.68
CA TYR A 582 15.26 46.19 11.59
C TYR A 582 16.35 46.75 10.69
N LEU A 583 16.16 47.96 10.15
CA LEU A 583 17.16 48.59 9.29
C LEU A 583 17.86 49.69 10.08
N LEU A 584 19.15 49.52 10.32
CA LEU A 584 19.91 50.39 11.21
C LEU A 584 20.64 51.48 10.43
N SER A 585 21.12 52.48 11.17
CA SER A 585 21.89 53.58 10.61
C SER A 585 23.35 53.17 10.48
N SER A 586 24.22 54.14 10.25
CA SER A 586 25.64 53.87 10.14
C SER A 586 26.28 53.79 11.53
N ALA A 587 27.56 53.40 11.55
CA ALA A 587 28.26 53.16 12.79
C ALA A 587 28.61 54.47 13.49
N SER A 588 29.18 54.34 14.69
CA SER A 588 29.53 55.49 15.52
C SER A 588 31.00 55.40 15.93
N ALA A 589 31.46 56.44 16.61
CA ALA A 589 32.85 56.48 17.06
C ALA A 589 33.08 55.41 18.11
N PRO A 590 34.09 54.57 17.96
CA PRO A 590 34.33 53.52 18.96
C PRO A 590 34.89 54.10 20.25
N VAL A 591 34.57 53.42 21.36
CA VAL A 591 35.03 53.80 22.69
C VAL A 591 35.37 52.52 23.44
N GLU A 592 36.63 52.36 23.81
CA GLU A 592 37.06 51.21 24.59
C GLU A 592 36.90 51.51 26.07
N LEU A 593 36.30 50.58 26.81
CA LEU A 593 36.21 50.64 28.25
C LEU A 593 37.05 49.54 28.88
N THR A 594 37.35 49.72 30.16
CA THR A 594 38.09 48.73 30.93
C THR A 594 37.45 48.62 32.30
N VAL A 595 37.51 47.41 32.86
CA VAL A 595 36.95 47.12 34.18
C VAL A 595 37.98 46.29 34.93
N SER A 596 38.31 46.73 36.15
CA SER A 596 39.33 46.04 36.95
C SER A 596 38.74 45.06 37.95
N SER B 3 3.71 -63.88 -40.87
CA SER B 3 2.85 -64.13 -42.01
C SER B 3 1.86 -62.99 -42.20
N LEU B 4 1.33 -62.48 -41.11
CA LEU B 4 0.35 -61.41 -41.09
C LEU B 4 0.88 -60.23 -40.29
N PRO B 5 0.29 -59.04 -40.45
CA PRO B 5 0.74 -57.87 -39.67
C PRO B 5 0.64 -58.14 -38.18
N LYS B 6 1.74 -57.88 -37.46
CA LYS B 6 1.78 -58.11 -36.02
C LYS B 6 0.74 -57.24 -35.32
N PRO B 7 -0.06 -57.79 -34.38
CA PRO B 7 -1.10 -56.98 -33.72
C PRO B 7 -0.52 -56.00 -32.69
N ILE B 8 -1.33 -55.13 -32.09
CA ILE B 8 -0.85 -54.15 -31.11
C ILE B 8 -1.57 -54.41 -29.79
N LEU B 9 -0.85 -54.25 -28.68
CA LEU B 9 -1.39 -54.52 -27.35
C LEU B 9 -1.50 -53.21 -26.58
N ARG B 10 -2.72 -52.88 -26.14
CA ARG B 10 -2.99 -51.68 -25.36
C ARG B 10 -3.61 -52.09 -24.04
N VAL B 11 -3.41 -51.27 -23.01
CA VAL B 11 -3.96 -51.55 -21.68
C VAL B 11 -4.58 -50.27 -21.13
N GLN B 12 -5.70 -50.42 -20.41
CA GLN B 12 -6.30 -49.30 -19.69
C GLN B 12 -6.71 -49.75 -18.29
N PRO B 13 -6.23 -49.06 -17.24
CA PRO B 13 -5.27 -47.94 -17.32
C PRO B 13 -3.81 -48.38 -17.55
N ASP B 14 -2.86 -47.61 -17.01
CA ASP B 14 -1.46 -47.86 -17.28
C ASP B 14 -1.01 -49.22 -16.73
N SER B 15 0.24 -49.58 -17.04
CA SER B 15 0.72 -50.93 -16.80
C SER B 15 0.84 -51.27 -15.33
N VAL B 16 1.00 -50.29 -14.45
CA VAL B 16 1.11 -50.52 -13.02
C VAL B 16 -0.25 -50.23 -12.39
N VAL B 17 -0.88 -51.27 -11.86
CA VAL B 17 -2.24 -51.18 -11.32
C VAL B 17 -2.23 -51.69 -9.89
N SER B 18 -3.02 -51.05 -9.03
CA SER B 18 -3.17 -51.47 -7.65
C SER B 18 -4.03 -52.73 -7.56
N ARG B 19 -4.03 -53.35 -6.38
CA ARG B 19 -4.78 -54.57 -6.17
C ARG B 19 -6.28 -54.26 -6.08
N TRP B 20 -7.09 -55.24 -6.52
CA TRP B 20 -8.55 -55.15 -6.46
C TRP B 20 -9.08 -53.99 -7.30
N THR B 21 -8.54 -53.84 -8.50
CA THR B 21 -8.97 -52.81 -9.44
C THR B 21 -9.15 -53.42 -10.83
N LYS B 22 -10.14 -52.92 -11.55
CA LYS B 22 -10.48 -53.48 -12.86
C LYS B 22 -9.57 -52.93 -13.93
N VAL B 23 -9.10 -53.81 -14.82
CA VAL B 23 -8.21 -53.47 -15.91
C VAL B 23 -8.70 -54.14 -17.18
N THR B 24 -8.39 -53.51 -18.32
CA THR B 24 -8.86 -54.00 -19.61
C THR B 24 -7.71 -53.98 -20.61
N PHE B 25 -7.39 -55.15 -21.15
CA PHE B 25 -6.50 -55.28 -22.30
C PHE B 25 -7.29 -55.10 -23.59
N PHE B 26 -6.62 -54.53 -24.59
CA PHE B 26 -7.18 -54.36 -25.93
C PHE B 26 -6.19 -54.90 -26.94
N CYS B 27 -6.65 -55.79 -27.80
CA CYS B 27 -5.86 -56.28 -28.92
C CYS B 27 -6.33 -55.56 -30.18
N GLU B 28 -5.39 -54.93 -30.89
CA GLU B 28 -5.70 -54.00 -31.98
C GLU B 28 -5.15 -54.53 -33.29
N GLU B 29 -6.02 -54.62 -34.29
CA GLU B 29 -5.66 -54.88 -35.67
C GLU B 29 -6.87 -54.53 -36.54
N THR B 30 -6.64 -54.43 -37.85
CA THR B 30 -7.71 -54.17 -38.80
C THR B 30 -7.69 -55.14 -39.98
N ILE B 31 -6.92 -56.23 -39.89
CA ILE B 31 -6.82 -57.19 -40.98
C ILE B 31 -8.01 -58.14 -40.94
N GLY B 32 -8.05 -59.00 -39.92
CA GLY B 32 -9.12 -59.96 -39.78
C GLY B 32 -9.35 -60.26 -38.31
N ALA B 33 -10.41 -61.03 -38.06
CA ALA B 33 -10.81 -61.36 -36.70
C ALA B 33 -11.44 -62.76 -36.66
N ASN B 34 -10.66 -63.78 -37.01
CA ASN B 34 -11.13 -65.14 -36.81
C ASN B 34 -11.01 -65.54 -35.35
N GLU B 35 -9.86 -65.26 -34.70
CA GLU B 35 -9.80 -65.45 -33.26
C GLU B 35 -8.64 -64.65 -32.69
N TYR B 36 -8.79 -64.21 -31.43
CA TYR B 36 -7.75 -63.52 -30.69
C TYR B 36 -7.31 -64.38 -29.52
N ARG B 37 -6.00 -64.36 -29.23
CA ARG B 37 -5.43 -65.17 -28.16
C ARG B 37 -4.55 -64.29 -27.27
N LEU B 38 -4.80 -64.36 -25.97
CA LEU B 38 -4.03 -63.62 -24.96
C LEU B 38 -3.14 -64.61 -24.22
N TYR B 39 -1.82 -64.42 -24.35
CA TYR B 39 -0.81 -65.27 -23.73
C TYR B 39 -0.25 -64.60 -22.49
N LYS B 40 -0.01 -65.39 -21.45
CA LYS B 40 0.61 -64.94 -20.21
C LYS B 40 1.89 -65.74 -19.98
N ASP B 41 3.03 -65.08 -20.09
CA ASP B 41 4.33 -65.70 -19.85
C ASP B 41 4.57 -66.90 -20.78
N GLY B 42 4.17 -66.74 -22.03
CA GLY B 42 4.36 -67.80 -23.01
C GLY B 42 3.39 -68.95 -22.92
N LYS B 43 2.25 -68.75 -22.25
CA LYS B 43 1.23 -69.78 -22.15
C LYS B 43 -0.11 -69.17 -22.52
N LEU B 44 -0.93 -69.96 -23.23
CA LEU B 44 -2.25 -69.49 -23.66
C LEU B 44 -3.14 -69.24 -22.44
N TYR B 45 -3.47 -67.97 -22.21
CA TYR B 45 -4.29 -67.61 -21.06
C TYR B 45 -5.77 -67.53 -21.42
N LYS B 46 -6.10 -66.79 -22.47
CA LYS B 46 -7.50 -66.65 -22.87
C LYS B 46 -7.63 -66.60 -24.38
N THR B 47 -8.86 -66.82 -24.86
CA THR B 47 -9.16 -66.84 -26.29
C THR B 47 -10.55 -66.26 -26.51
N VAL B 48 -10.65 -65.29 -27.42
CA VAL B 48 -11.91 -64.63 -27.73
C VAL B 48 -12.21 -64.79 -29.22
N THR B 49 -13.42 -65.24 -29.53
CA THR B 49 -13.88 -65.40 -30.91
C THR B 49 -14.90 -64.30 -31.22
N LYS B 50 -14.88 -63.81 -32.46
CA LYS B 50 -15.72 -62.68 -32.87
C LYS B 50 -16.96 -63.17 -33.60
N ASN B 51 -17.76 -63.96 -32.87
CA ASN B 51 -19.07 -64.42 -33.34
C ASN B 51 -19.96 -64.60 -32.13
N LYS B 52 -21.16 -65.13 -32.37
CA LYS B 52 -22.16 -65.35 -31.32
C LYS B 52 -22.51 -64.06 -30.61
N LYS B 54 -21.09 -60.47 -32.16
CA LYS B 54 -21.02 -59.43 -33.18
C LYS B 54 -19.60 -59.28 -33.72
N PRO B 55 -19.43 -59.42 -35.03
CA PRO B 55 -18.09 -59.28 -35.61
C PRO B 55 -17.60 -57.85 -35.51
N ALA B 56 -16.32 -57.71 -35.15
CA ALA B 56 -15.72 -56.39 -34.94
C ALA B 56 -14.28 -56.44 -35.42
N ASN B 57 -13.49 -55.44 -35.02
CA ASN B 57 -12.11 -55.31 -35.45
C ASN B 57 -11.10 -55.42 -34.31
N LYS B 58 -11.48 -55.08 -33.08
CA LYS B 58 -10.55 -55.04 -31.95
C LYS B 58 -11.15 -55.83 -30.79
N ALA B 59 -10.29 -56.52 -30.05
CA ALA B 59 -10.73 -57.45 -29.02
C ALA B 59 -10.46 -56.89 -27.63
N GLU B 60 -11.30 -57.30 -26.68
CA GLU B 60 -11.23 -56.86 -25.29
C GLU B 60 -10.92 -58.05 -24.37
N PHE B 61 -10.24 -57.76 -23.28
CA PHE B 61 -10.00 -58.74 -22.22
C PHE B 61 -10.12 -58.02 -20.88
N SER B 62 -11.18 -58.29 -20.13
CA SER B 62 -11.43 -57.63 -18.86
C SER B 62 -10.97 -58.54 -17.73
N LEU B 63 -10.07 -58.04 -16.88
CA LEU B 63 -9.63 -58.76 -15.68
C LEU B 63 -10.23 -58.05 -14.47
N SER B 64 -11.49 -58.34 -14.19
CA SER B 64 -12.20 -57.69 -13.09
C SER B 64 -11.59 -58.12 -11.76
N ASN B 65 -11.30 -57.13 -10.91
CA ASN B 65 -10.71 -57.36 -9.59
C ASN B 65 -9.39 -58.12 -9.71
N VAL B 66 -8.31 -57.40 -10.00
CA VAL B 66 -7.02 -58.05 -10.21
C VAL B 66 -6.43 -58.48 -8.86
N ASP B 67 -5.75 -59.62 -8.86
CA ASP B 67 -5.12 -60.16 -7.67
C ASP B 67 -3.61 -60.22 -7.89
N LEU B 68 -2.90 -60.81 -6.92
CA LEU B 68 -1.43 -60.83 -6.97
C LEU B 68 -0.92 -61.75 -8.07
N SER B 69 -1.63 -62.85 -8.35
CA SER B 69 -1.14 -63.81 -9.33
C SER B 69 -1.28 -63.34 -10.77
N ASN B 70 -2.01 -62.25 -11.02
CA ASN B 70 -2.26 -61.79 -12.38
C ASN B 70 -1.09 -61.00 -12.96
N ALA B 71 -0.04 -60.73 -12.18
CA ALA B 71 1.07 -59.92 -12.65
C ALA B 71 2.05 -60.76 -13.47
N GLY B 72 2.50 -60.21 -14.59
CA GLY B 72 3.41 -60.93 -15.46
C GLY B 72 3.48 -60.29 -16.83
N GLN B 73 4.18 -60.97 -17.73
CA GLN B 73 4.29 -60.52 -19.11
C GLN B 73 3.12 -61.04 -19.94
N TYR B 74 2.48 -60.15 -20.68
CA TYR B 74 1.31 -60.45 -21.48
C TYR B 74 1.60 -60.15 -22.95
N GLU B 75 1.10 -61.01 -23.83
CA GLU B 75 1.24 -60.85 -25.27
C GLU B 75 -0.10 -61.18 -25.93
N CYS B 76 -0.27 -60.67 -27.16
CA CYS B 76 -1.48 -60.94 -27.92
C CYS B 76 -1.11 -61.46 -29.30
N SER B 77 -1.86 -62.44 -29.78
CA SER B 77 -1.75 -62.94 -31.14
C SER B 77 -3.16 -63.09 -31.72
N TYR B 78 -3.24 -63.27 -33.03
CA TYR B 78 -4.53 -63.48 -33.65
C TYR B 78 -4.37 -64.44 -34.82
N SER B 79 -5.47 -65.10 -35.15
CA SER B 79 -5.53 -66.04 -36.26
C SER B 79 -6.63 -65.63 -37.23
N THR B 80 -6.32 -65.73 -38.51
CA THR B 80 -7.27 -65.61 -39.62
C THR B 80 -7.06 -66.80 -40.54
N GLN B 81 -8.17 -67.35 -41.06
CA GLN B 81 -8.13 -68.58 -41.85
C GLN B 81 -7.48 -69.70 -41.05
N TYR B 82 -6.22 -70.00 -41.34
CA TYR B 82 -5.48 -71.02 -40.59
C TYR B 82 -4.02 -70.61 -40.36
N LYS B 83 -3.77 -69.31 -40.22
CA LYS B 83 -2.42 -68.78 -40.02
C LYS B 83 -2.38 -67.98 -38.72
N SER B 84 -1.58 -68.43 -37.77
CA SER B 84 -1.34 -67.69 -36.54
C SER B 84 -0.14 -66.77 -36.75
N SER B 85 -0.28 -65.50 -36.35
CA SER B 85 0.66 -64.45 -36.74
C SER B 85 1.47 -64.00 -35.53
N GLY B 86 2.55 -64.73 -35.25
CA GLY B 86 3.62 -64.24 -34.39
C GLY B 86 3.15 -63.79 -33.02
N TYR B 87 3.81 -62.74 -32.51
CA TYR B 87 3.57 -62.22 -31.18
C TYR B 87 3.76 -60.72 -31.19
N SER B 88 2.90 -60.01 -30.46
CA SER B 88 3.11 -58.59 -30.21
C SER B 88 4.19 -58.42 -29.15
N ASP B 89 4.77 -57.22 -29.13
CA ASP B 89 5.81 -56.93 -28.14
C ASP B 89 5.25 -57.09 -26.74
N PRO B 90 5.98 -57.75 -25.83
CA PRO B 90 5.41 -58.09 -24.51
C PRO B 90 5.10 -56.84 -23.70
N LEU B 91 4.21 -57.01 -22.72
CA LEU B 91 3.77 -55.92 -21.86
C LEU B 91 3.78 -56.40 -20.41
N LYS B 92 4.51 -55.69 -19.56
CA LYS B 92 4.64 -56.06 -18.15
C LYS B 92 3.46 -55.50 -17.36
N LEU B 93 2.62 -56.38 -16.83
CA LEU B 93 1.56 -56.02 -15.91
C LEU B 93 2.06 -56.19 -14.48
N VAL B 94 2.08 -55.10 -13.73
CA VAL B 94 2.60 -55.07 -12.36
C VAL B 94 1.45 -54.79 -11.40
N VAL B 95 1.50 -55.42 -10.23
CA VAL B 95 0.49 -55.24 -9.19
C VAL B 95 1.19 -54.81 -7.90
N THR B 96 0.53 -53.93 -7.14
CA THR B 96 1.06 -53.44 -5.88
C THR B 96 0.29 -54.05 -4.73
N GLY B 97 0.96 -54.21 -3.59
CA GLY B 97 0.33 -54.67 -2.38
C GLY B 97 1.19 -55.73 -1.70
N HIS B 98 0.58 -56.39 -0.71
CA HIS B 98 1.17 -57.52 0.02
C HIS B 98 2.38 -57.12 0.87
N TYR B 99 3.23 -56.23 0.36
CA TYR B 99 4.46 -55.89 1.06
C TYR B 99 4.19 -54.76 2.04
N TRP B 100 5.23 -54.33 2.74
CA TRP B 100 5.11 -53.24 3.70
C TRP B 100 5.35 -51.91 3.03
N THR B 101 4.50 -50.93 3.34
CA THR B 101 4.55 -49.64 2.67
C THR B 101 5.84 -48.91 3.03
N PRO B 102 6.61 -48.47 2.05
CA PRO B 102 7.79 -47.65 2.34
C PRO B 102 7.39 -46.22 2.66
N SER B 103 8.35 -45.49 3.23
CA SER B 103 8.24 -44.05 3.43
C SER B 103 9.24 -43.35 2.52
N LEU B 104 8.95 -42.11 2.17
CA LEU B 104 9.82 -41.37 1.26
C LEU B 104 10.08 -39.99 1.85
N LEU B 105 11.36 -39.60 1.88
CA LEU B 105 11.78 -38.35 2.50
C LEU B 105 12.80 -37.67 1.61
N ALA B 106 12.77 -36.34 1.61
CA ALA B 106 13.87 -35.56 1.07
C ALA B 106 15.00 -35.52 2.10
N GLN B 107 16.19 -35.96 1.71
CA GLN B 107 17.31 -36.01 2.65
C GLN B 107 17.56 -34.64 3.28
N ALA B 108 17.50 -33.58 2.47
CA ALA B 108 17.66 -32.21 2.96
C ALA B 108 16.35 -31.45 2.83
N SER B 109 15.91 -31.18 1.60
CA SER B 109 14.66 -30.46 1.38
C SER B 109 14.26 -30.66 -0.08
N PRO B 110 12.97 -30.58 -0.40
CA PRO B 110 12.54 -30.66 -1.80
C PRO B 110 12.90 -29.43 -2.62
N VAL B 111 13.44 -28.38 -2.00
CA VAL B 111 13.83 -27.18 -2.74
C VAL B 111 15.06 -27.50 -3.59
N VAL B 112 15.03 -27.06 -4.84
CA VAL B 112 16.09 -27.37 -5.80
C VAL B 112 16.17 -26.26 -6.83
N THR B 113 17.40 -25.91 -7.22
CA THR B 113 17.61 -24.98 -8.32
C THR B 113 17.38 -25.70 -9.64
N SER B 114 16.72 -25.00 -10.57
CA SER B 114 16.38 -25.60 -11.86
C SER B 114 17.63 -26.10 -12.57
N GLY B 115 17.48 -27.24 -13.26
CA GLY B 115 18.62 -27.89 -13.87
C GLY B 115 19.55 -28.54 -12.88
N GLY B 116 19.00 -29.13 -11.82
CA GLY B 116 19.80 -29.72 -10.76
C GLY B 116 19.20 -31.05 -10.31
N TYR B 117 19.83 -31.63 -9.30
CA TYR B 117 19.46 -32.93 -8.78
C TYR B 117 19.13 -32.83 -7.29
N VAL B 118 18.24 -33.70 -6.83
CA VAL B 118 17.90 -33.78 -5.41
C VAL B 118 18.03 -35.22 -4.95
N THR B 119 18.41 -35.40 -3.70
CA THR B 119 18.63 -36.73 -3.15
C THR B 119 17.46 -37.10 -2.25
N LEU B 120 16.83 -38.24 -2.53
CA LEU B 120 15.67 -38.73 -1.81
C LEU B 120 16.02 -40.04 -1.12
N GLN B 121 15.75 -40.10 0.18
CA GLN B 121 15.90 -41.31 0.97
C GLN B 121 14.55 -41.99 1.09
N CYS B 122 14.44 -43.20 0.57
CA CYS B 122 13.28 -44.05 0.79
C CYS B 122 13.63 -45.04 1.89
N GLU B 123 12.62 -45.41 2.68
CA GLU B 123 12.79 -46.31 3.81
C GLU B 123 11.83 -47.48 3.67
N SER B 124 12.36 -48.69 3.80
CA SER B 124 11.54 -49.90 3.84
C SER B 124 12.21 -50.91 4.75
N TRP B 125 11.40 -51.84 5.26
CA TRP B 125 11.84 -52.79 6.27
C TRP B 125 12.23 -54.14 5.68
N HIS B 126 12.12 -54.31 4.37
CA HIS B 126 12.55 -55.54 3.74
C HIS B 126 14.06 -55.50 3.54
N ASN B 127 14.73 -56.60 3.90
CA ASN B 127 16.19 -56.67 3.85
C ASN B 127 16.69 -56.63 2.42
N ASP B 128 16.52 -57.73 1.68
CA ASP B 128 17.01 -57.86 0.32
C ASP B 128 15.88 -57.50 -0.63
N HIS B 129 15.76 -56.20 -0.93
CA HIS B 129 14.77 -55.68 -1.86
C HIS B 129 15.44 -54.70 -2.83
N LYS B 130 15.02 -54.73 -4.08
CA LYS B 130 15.38 -53.69 -5.02
C LYS B 130 14.36 -52.57 -4.96
N PHE B 131 14.83 -51.34 -5.16
CA PHE B 131 13.99 -50.16 -4.99
C PHE B 131 13.92 -49.38 -6.29
N ILE B 132 12.70 -48.96 -6.63
CA ILE B 132 12.44 -48.22 -7.86
C ILE B 132 11.74 -46.92 -7.51
N LEU B 133 12.32 -45.81 -7.95
CA LEU B 133 11.72 -44.48 -7.79
C LEU B 133 11.17 -44.03 -9.13
N THR B 134 9.90 -43.60 -9.13
CA THR B 134 9.20 -43.18 -10.34
C THR B 134 8.63 -41.79 -10.14
N VAL B 135 8.18 -41.20 -11.25
CA VAL B 135 7.57 -39.88 -11.24
C VAL B 135 6.23 -39.94 -11.95
N GLU B 136 5.28 -39.14 -11.47
CA GLU B 136 3.97 -39.02 -12.10
C GLU B 136 4.08 -38.04 -13.26
N GLY B 137 4.34 -38.56 -14.44
CA GLY B 137 4.44 -37.73 -15.62
C GLY B 137 4.16 -38.51 -16.89
N PRO B 138 4.14 -37.80 -18.03
CA PRO B 138 4.01 -38.53 -19.30
C PRO B 138 5.16 -39.51 -19.53
N GLN B 139 6.40 -39.02 -19.47
CA GLN B 139 7.60 -39.88 -19.53
C GLN B 139 7.80 -40.48 -18.15
N LYS B 140 7.41 -41.73 -17.98
CA LYS B 140 7.63 -42.43 -16.71
C LYS B 140 9.12 -42.67 -16.54
N LEU B 141 9.76 -41.84 -15.73
CA LEU B 141 11.17 -41.98 -15.44
C LEU B 141 11.36 -42.88 -14.23
N SER B 142 12.32 -43.78 -14.33
CA SER B 142 12.54 -44.79 -13.30
C SER B 142 13.99 -44.80 -12.84
N TRP B 143 14.18 -45.15 -11.58
CA TRP B 143 15.52 -45.34 -11.02
C TRP B 143 15.52 -46.63 -10.20
N THR B 144 16.54 -47.45 -10.42
CA THR B 144 16.67 -48.76 -9.77
C THR B 144 17.93 -48.77 -8.91
N GLN B 145 17.77 -49.08 -7.63
CA GLN B 145 18.89 -49.10 -6.70
C GLN B 145 18.77 -50.27 -5.73
N ASP B 146 19.90 -50.63 -5.14
CA ASP B 146 19.99 -51.64 -4.11
C ASP B 146 19.92 -50.99 -2.71
N SER B 147 19.79 -51.82 -1.70
CA SER B 147 19.71 -51.32 -0.32
C SER B 147 21.10 -51.09 0.25
N GLN B 148 21.34 -49.87 0.74
CA GLN B 148 22.59 -49.51 1.41
C GLN B 148 22.28 -49.06 2.83
N TYR B 149 23.25 -49.25 3.72
CA TYR B 149 23.07 -49.03 5.15
C TYR B 149 24.12 -48.06 5.68
N ASN B 150 23.68 -46.92 6.22
CA ASN B 150 24.61 -46.00 6.87
C ASN B 150 24.84 -46.49 8.30
N TYR B 151 26.10 -46.70 8.66
CA TYR B 151 26.44 -47.24 9.98
C TYR B 151 26.14 -46.24 11.09
N SER B 152 26.33 -44.95 10.82
CA SER B 152 26.12 -43.94 11.86
C SER B 152 24.65 -43.80 12.23
N THR B 153 23.77 -43.71 11.22
CA THR B 153 22.35 -43.51 11.49
C THR B 153 21.60 -44.81 11.78
N ARG B 154 22.17 -45.96 11.43
CA ARG B 154 21.52 -47.26 11.66
C ARG B 154 20.18 -47.37 10.91
N LYS B 155 20.21 -47.02 9.63
CA LYS B 155 19.04 -47.11 8.77
C LYS B 155 19.43 -47.76 7.46
N TYR B 156 18.49 -48.51 6.89
CA TYR B 156 18.70 -49.22 5.63
C TYR B 156 18.12 -48.44 4.47
N HIS B 157 18.15 -49.07 3.29
CA HIS B 157 17.67 -48.53 2.02
C HIS B 157 18.61 -47.41 1.58
N ALA B 158 18.81 -47.30 0.27
CA ALA B 158 19.77 -46.36 -0.29
C ALA B 158 19.03 -45.14 -0.82
N LEU B 159 19.76 -44.26 -1.50
CA LEU B 159 19.29 -42.95 -1.87
C LEU B 159 19.21 -42.84 -3.39
N PHE B 160 18.31 -41.98 -3.87
CA PHE B 160 18.14 -41.76 -5.29
C PHE B 160 18.42 -40.30 -5.61
N SER B 161 19.17 -40.06 -6.68
CA SER B 161 19.44 -38.72 -7.17
C SER B 161 18.53 -38.45 -8.36
N VAL B 162 17.48 -37.67 -8.14
CA VAL B 162 16.52 -37.34 -9.17
C VAL B 162 16.98 -36.09 -9.90
N GLY B 163 16.81 -36.10 -11.23
CA GLY B 163 17.17 -34.98 -12.07
C GLY B 163 17.64 -35.42 -13.44
N PRO B 164 18.08 -34.46 -14.26
CA PRO B 164 18.10 -33.02 -13.95
C PRO B 164 16.71 -32.41 -13.92
N VAL B 165 16.39 -31.76 -12.81
CA VAL B 165 15.05 -31.22 -12.59
C VAL B 165 14.85 -30.04 -13.54
N THR B 166 14.02 -30.24 -14.56
CA THR B 166 13.72 -29.18 -15.52
C THR B 166 12.56 -28.33 -15.01
N PRO B 167 12.61 -27.02 -15.22
CA PRO B 167 11.53 -26.15 -14.69
C PRO B 167 10.23 -26.24 -15.46
N ASN B 168 10.21 -26.92 -16.61
CA ASN B 168 8.98 -27.01 -17.40
C ASN B 168 8.03 -28.08 -16.92
N GLN B 169 8.53 -29.08 -16.20
CA GLN B 169 7.74 -30.24 -15.80
C GLN B 169 7.56 -30.27 -14.29
N ARG B 170 6.32 -30.56 -13.86
CA ARG B 170 6.04 -30.75 -12.45
C ARG B 170 6.52 -32.13 -12.00
N TRP B 171 7.17 -32.17 -10.83
CA TRP B 171 7.80 -33.38 -10.34
C TRP B 171 7.04 -33.91 -9.12
N ILE B 172 6.52 -35.12 -9.24
CA ILE B 172 5.87 -35.84 -8.15
C ILE B 172 6.47 -37.23 -8.10
N CYS B 173 7.23 -37.52 -7.03
CA CYS B 173 7.99 -38.75 -6.93
C CYS B 173 7.30 -39.76 -6.03
N ARG B 174 7.41 -41.05 -6.39
CA ARG B 174 6.84 -42.13 -5.62
C ARG B 174 7.80 -43.32 -5.60
N CYS B 175 7.95 -43.93 -4.43
CA CYS B 175 8.93 -44.98 -4.20
C CYS B 175 8.25 -46.34 -4.14
N TYR B 176 8.97 -47.38 -4.57
CA TYR B 176 8.48 -48.75 -4.58
C TYR B 176 9.61 -49.69 -4.24
N SER B 177 9.25 -50.84 -3.65
CA SER B 177 10.20 -51.88 -3.28
C SER B 177 9.69 -53.22 -3.77
N TYR B 178 10.59 -54.09 -4.20
CA TYR B 178 10.17 -55.38 -4.73
C TYR B 178 11.27 -56.42 -4.57
N ASP B 179 10.85 -57.67 -4.50
CA ASP B 179 11.75 -58.80 -4.38
C ASP B 179 12.40 -59.10 -5.72
N ARG B 180 13.64 -59.60 -5.67
CA ARG B 180 14.40 -59.87 -6.88
C ARG B 180 13.70 -60.93 -7.75
N ASN B 181 13.32 -62.05 -7.14
CA ASN B 181 12.76 -63.16 -7.91
C ASN B 181 11.29 -62.99 -8.24
N ARG B 182 10.60 -62.04 -7.62
CA ARG B 182 9.23 -61.67 -7.99
C ARG B 182 9.21 -60.20 -8.39
N PRO B 183 9.55 -59.90 -9.64
CA PRO B 183 9.65 -58.49 -10.06
C PRO B 183 8.31 -57.87 -10.38
N TYR B 184 7.34 -58.68 -10.81
CA TYR B 184 6.05 -58.17 -11.25
C TYR B 184 5.14 -57.78 -10.09
N VAL B 185 5.54 -58.01 -8.84
CA VAL B 185 4.73 -57.68 -7.68
C VAL B 185 5.51 -56.68 -6.84
N TRP B 186 5.02 -55.44 -6.80
CA TRP B 186 5.69 -54.37 -6.07
C TRP B 186 4.99 -54.08 -4.75
N SER B 187 5.68 -53.32 -3.91
CA SER B 187 5.10 -52.83 -2.67
C SER B 187 4.07 -51.75 -2.95
N PRO B 188 3.17 -51.49 -2.01
CA PRO B 188 2.25 -50.36 -2.18
C PRO B 188 3.02 -49.06 -2.25
N PRO B 189 2.51 -48.08 -3.00
CA PRO B 189 3.26 -46.83 -3.20
C PRO B 189 3.47 -46.08 -1.90
N SER B 190 4.62 -45.42 -1.81
CA SER B 190 4.98 -44.64 -0.63
C SER B 190 4.29 -43.30 -0.62
N GLU B 191 4.79 -42.37 0.18
CA GLU B 191 4.18 -41.05 0.30
C GLU B 191 4.34 -40.27 -1.01
N SER B 192 3.35 -39.43 -1.30
CA SER B 192 3.39 -38.57 -2.48
C SER B 192 4.36 -37.42 -2.18
N VAL B 193 5.61 -37.57 -2.62
CA VAL B 193 6.66 -36.59 -2.36
C VAL B 193 6.81 -35.73 -3.61
N GLU B 194 6.43 -34.46 -3.51
CA GLU B 194 6.51 -33.52 -4.62
C GLU B 194 7.70 -32.59 -4.42
N LEU B 195 8.42 -32.34 -5.51
CA LEU B 195 9.60 -31.48 -5.47
C LEU B 195 9.21 -30.03 -5.77
N LEU B 196 9.89 -29.10 -5.10
CA LEU B 196 9.70 -27.67 -5.31
C LEU B 196 10.96 -27.10 -5.96
N VAL B 197 10.80 -26.50 -7.13
CA VAL B 197 11.92 -26.02 -7.92
C VAL B 197 12.01 -24.50 -7.76
N SER B 198 13.18 -24.02 -7.33
CA SER B 198 13.45 -22.59 -7.28
C SER B 198 13.64 -22.10 -8.72
N GLY B 199 12.56 -21.57 -9.30
CA GLY B 199 12.58 -21.20 -10.70
C GLY B 199 13.36 -19.93 -11.00
N ASN B 200 13.11 -19.34 -12.17
CA ASN B 200 13.83 -18.16 -12.63
C ASN B 200 12.85 -17.10 -13.14
N LEU B 201 11.63 -17.08 -12.61
CA LEU B 201 10.60 -16.17 -13.05
C LEU B 201 10.27 -15.17 -11.94
N GLN B 202 9.11 -14.51 -12.04
CA GLN B 202 8.75 -13.47 -11.10
C GLN B 202 8.40 -14.05 -9.74
N LYS B 203 8.72 -13.30 -8.69
CA LYS B 203 8.46 -13.73 -7.33
C LYS B 203 6.98 -13.56 -6.98
N PRO B 204 6.40 -14.49 -6.23
CA PRO B 204 5.04 -14.29 -5.71
C PRO B 204 5.04 -13.56 -4.38
N THR B 205 4.01 -12.75 -4.19
CA THR B 205 3.77 -12.07 -2.92
C THR B 205 3.06 -13.01 -1.96
N ILE B 206 3.49 -13.00 -0.71
CA ILE B 206 2.95 -13.86 0.34
C ILE B 206 2.34 -12.97 1.41
N LYS B 207 1.21 -13.38 1.95
CA LYS B 207 0.52 -12.57 2.95
C LYS B 207 -0.25 -13.47 3.90
N ALA B 208 -0.44 -12.99 5.12
CA ALA B 208 -1.34 -13.60 6.09
C ALA B 208 -2.31 -12.54 6.58
N GLU B 209 -3.58 -12.66 6.21
CA GLU B 209 -4.55 -11.59 6.44
C GLU B 209 -4.95 -11.49 7.92
N PRO B 210 -5.12 -12.60 8.66
CA PRO B 210 -5.31 -12.45 10.11
C PRO B 210 -4.08 -11.89 10.83
N GLY B 211 -2.89 -12.02 10.25
CA GLY B 211 -1.68 -11.48 10.82
C GLY B 211 -0.57 -12.49 10.85
N SER B 212 0.61 -12.03 11.26
CA SER B 212 1.78 -12.89 11.39
C SER B 212 1.93 -13.47 12.79
N VAL B 213 1.17 -12.99 13.77
CA VAL B 213 1.22 -13.47 15.15
C VAL B 213 -0.19 -13.88 15.52
N ILE B 214 -0.40 -15.17 15.75
CA ILE B 214 -1.72 -15.74 16.00
C ILE B 214 -1.69 -16.59 17.26
N THR B 215 -2.67 -16.39 18.13
CA THR B 215 -2.84 -17.25 19.29
C THR B 215 -3.26 -18.64 18.85
N SER B 216 -2.78 -19.65 19.57
CA SER B 216 -3.01 -21.03 19.19
C SER B 216 -4.50 -21.37 19.21
N LYS B 217 -4.81 -22.53 18.60
CA LYS B 217 -6.15 -23.12 18.53
C LYS B 217 -7.12 -22.29 17.69
N ARG B 218 -6.63 -21.30 16.95
CA ARG B 218 -7.47 -20.42 16.17
C ARG B 218 -7.17 -20.58 14.68
N ALA B 219 -8.08 -20.06 13.86
CA ALA B 219 -8.01 -20.25 12.41
C ALA B 219 -7.30 -19.08 11.74
N MET B 220 -6.82 -19.33 10.52
CA MET B 220 -6.10 -18.31 9.76
C MET B 220 -6.06 -18.71 8.29
N THR B 221 -5.57 -17.78 7.46
CA THR B 221 -5.45 -17.98 6.03
C THR B 221 -4.13 -17.41 5.55
N ILE B 222 -3.58 -18.03 4.51
CA ILE B 222 -2.33 -17.61 3.88
C ILE B 222 -2.60 -17.44 2.39
N TRP B 223 -2.30 -16.26 1.86
CA TRP B 223 -2.48 -15.98 0.45
C TRP B 223 -1.13 -15.91 -0.25
N CYS B 224 -1.00 -16.64 -1.36
CA CYS B 224 0.14 -16.49 -2.26
C CYS B 224 -0.41 -16.00 -3.59
N GLN B 225 -0.10 -14.75 -3.94
CA GLN B 225 -0.51 -14.18 -5.21
C GLN B 225 0.72 -13.93 -6.06
N GLY B 226 0.50 -13.70 -7.35
CA GLY B 226 1.64 -13.40 -8.21
C GLY B 226 1.28 -13.48 -9.68
N ASN B 227 2.26 -13.90 -10.48
CA ASN B 227 2.06 -14.01 -11.92
C ASN B 227 0.95 -15.00 -12.24
N LEU B 228 0.16 -14.66 -13.27
CA LEU B 228 -0.98 -15.48 -13.67
C LEU B 228 -0.58 -16.55 -14.67
N ASP B 229 0.71 -16.80 -14.86
CA ASP B 229 1.15 -18.01 -15.53
C ASP B 229 0.98 -19.25 -14.66
N ALA B 230 0.73 -19.08 -13.37
CA ALA B 230 0.73 -20.18 -12.43
C ALA B 230 -0.54 -21.01 -12.55
N GLU B 231 -0.38 -22.32 -12.35
CA GLU B 231 -1.50 -23.25 -12.28
C GLU B 231 -1.70 -23.82 -10.89
N VAL B 232 -0.61 -24.24 -10.24
CA VAL B 232 -0.66 -24.86 -8.92
C VAL B 232 0.24 -24.05 -7.99
N TYR B 233 -0.23 -23.85 -6.75
CA TYR B 233 0.55 -23.17 -5.73
C TYR B 233 0.95 -24.13 -4.64
N PHE B 234 2.07 -23.84 -3.99
CA PHE B 234 2.62 -24.69 -2.95
C PHE B 234 3.03 -23.83 -1.77
N LEU B 235 3.05 -24.44 -0.59
CA LEU B 235 3.66 -23.82 0.58
C LEU B 235 4.60 -24.81 1.24
N HIS B 236 5.67 -24.28 1.82
CA HIS B 236 6.74 -25.07 2.39
C HIS B 236 7.36 -24.31 3.56
N ASN B 237 7.95 -25.04 4.50
CA ASN B 237 8.65 -24.48 5.64
C ASN B 237 10.09 -24.96 5.64
N GLU B 238 10.97 -24.17 6.25
CA GLU B 238 12.34 -24.63 6.44
C GLU B 238 12.39 -25.85 7.37
N GLY B 239 11.40 -26.01 8.24
CA GLY B 239 11.27 -27.28 8.91
C GLY B 239 9.89 -27.62 9.45
N SER B 240 9.12 -28.47 8.78
CA SER B 240 9.28 -28.85 7.37
C SER B 240 7.89 -29.24 6.87
N GLN B 241 7.40 -28.62 5.80
CA GLN B 241 6.07 -28.96 5.30
C GLN B 241 6.02 -28.89 3.79
N LYS B 242 4.99 -29.51 3.23
CA LYS B 242 4.62 -29.37 1.82
C LYS B 242 3.10 -29.35 1.73
N THR B 243 2.53 -28.31 1.14
CA THR B 243 1.09 -28.23 0.90
C THR B 243 0.82 -27.83 -0.54
N GLN B 244 -0.06 -28.58 -1.20
CA GLN B 244 -0.34 -28.46 -2.62
C GLN B 244 -1.77 -27.94 -2.81
N SER B 245 -1.92 -26.87 -3.58
CA SER B 245 -3.23 -26.35 -3.98
C SER B 245 -3.27 -26.27 -5.50
N THR B 246 -4.08 -27.14 -6.13
CA THR B 246 -4.16 -27.18 -7.57
C THR B 246 -5.18 -26.20 -8.11
N GLN B 247 -6.42 -26.27 -7.64
CA GLN B 247 -7.44 -25.31 -8.04
C GLN B 247 -7.51 -24.19 -7.02
N THR B 248 -7.22 -22.97 -7.46
CA THR B 248 -7.17 -21.80 -6.60
C THR B 248 -8.36 -20.89 -6.89
N LEU B 249 -8.55 -19.91 -6.02
CA LEU B 249 -9.63 -18.94 -6.19
C LEU B 249 -9.36 -18.08 -7.43
N GLN B 250 -10.33 -18.08 -8.36
CA GLN B 250 -10.15 -17.41 -9.65
C GLN B 250 -10.40 -15.91 -9.57
N GLN B 251 -11.10 -15.43 -8.54
CA GLN B 251 -11.49 -14.03 -8.46
C GLN B 251 -10.76 -13.34 -7.32
N PRO B 252 -10.00 -12.27 -7.58
CA PRO B 252 -9.67 -11.79 -8.92
C PRO B 252 -8.28 -12.27 -9.38
N GLY B 253 -8.25 -13.25 -10.26
CA GLY B 253 -6.99 -13.82 -10.69
C GLY B 253 -6.50 -14.92 -9.76
N ASN B 254 -5.44 -15.60 -10.20
CA ASN B 254 -4.87 -16.70 -9.43
C ASN B 254 -4.36 -16.24 -8.07
N LYS B 255 -5.12 -16.53 -7.01
CA LYS B 255 -4.71 -16.28 -5.64
C LYS B 255 -4.76 -17.61 -4.89
N GLY B 256 -3.59 -18.20 -4.63
CA GLY B 256 -3.56 -19.45 -3.89
C GLY B 256 -3.86 -19.24 -2.43
N LYS B 257 -5.04 -19.66 -1.99
CA LYS B 257 -5.46 -19.55 -0.61
C LYS B 257 -5.19 -20.86 0.12
N PHE B 258 -4.63 -20.76 1.32
CA PHE B 258 -4.45 -21.90 2.22
C PHE B 258 -5.11 -21.57 3.54
N PHE B 259 -5.75 -22.57 4.15
CA PHE B 259 -6.55 -22.36 5.34
C PHE B 259 -6.05 -23.26 6.46
N ILE B 260 -6.04 -22.73 7.68
CA ILE B 260 -5.66 -23.49 8.87
C ILE B 260 -6.77 -23.32 9.90
N PRO B 261 -7.41 -24.40 10.35
CA PRO B 261 -8.52 -24.26 11.30
C PRO B 261 -8.07 -23.97 12.72
N SER B 262 -6.93 -24.54 13.13
CA SER B 262 -6.42 -24.33 14.48
C SER B 262 -4.91 -24.47 14.46
N MET B 263 -4.22 -23.49 15.03
CA MET B 263 -2.77 -23.47 15.03
C MET B 263 -2.21 -24.40 16.10
N THR B 264 -1.18 -25.16 15.74
CA THR B 264 -0.54 -26.09 16.67
C THR B 264 0.96 -25.87 16.60
N ARG B 265 1.72 -26.85 17.09
CA ARG B 265 3.19 -26.75 17.08
C ARG B 265 3.73 -26.69 15.66
N GLN B 266 3.25 -27.58 14.79
CA GLN B 266 3.83 -27.74 13.46
C GLN B 266 3.53 -26.59 12.52
N HIS B 267 2.61 -25.70 12.88
CA HIS B 267 2.16 -24.66 11.96
C HIS B 267 2.94 -23.37 12.07
N ALA B 268 3.74 -23.17 13.13
CA ALA B 268 4.56 -21.98 13.22
C ALA B 268 5.88 -22.18 12.47
N GLY B 269 6.53 -21.07 12.14
CA GLY B 269 7.82 -21.13 11.47
C GLY B 269 7.90 -20.18 10.31
N GLN B 270 8.97 -20.30 9.52
CA GLN B 270 9.21 -19.42 8.38
C GLN B 270 8.63 -20.05 7.13
N TYR B 271 7.68 -19.36 6.50
CA TYR B 271 6.95 -19.82 5.34
C TYR B 271 7.42 -19.12 4.08
N ARG B 272 7.36 -19.85 2.97
CA ARG B 272 7.70 -19.36 1.64
C ARG B 272 6.75 -20.01 0.64
N CYS B 273 6.20 -19.20 -0.26
CA CYS B 273 5.33 -19.69 -1.33
C CYS B 273 6.18 -20.02 -2.56
N TYR B 274 5.97 -21.21 -3.12
CA TYR B 274 6.53 -21.60 -4.40
C TYR B 274 5.41 -21.71 -5.42
N CYS B 275 5.76 -21.52 -6.70
CA CYS B 275 4.77 -21.44 -7.76
C CYS B 275 5.25 -22.18 -9.00
N TYR B 276 4.32 -22.83 -9.68
CA TYR B 276 4.58 -23.53 -10.93
C TYR B 276 3.54 -23.11 -11.97
N GLY B 277 3.99 -22.92 -13.20
CA GLY B 277 3.10 -22.50 -14.27
C GLY B 277 3.50 -23.11 -15.60
N SER B 278 2.80 -22.69 -16.65
CA SER B 278 3.10 -23.17 -17.99
C SER B 278 4.49 -22.71 -18.44
N ALA B 279 4.93 -21.54 -17.98
CA ALA B 279 6.25 -21.05 -18.33
C ALA B 279 7.35 -21.68 -17.50
N GLY B 280 7.03 -22.17 -16.30
CA GLY B 280 8.00 -22.84 -15.45
C GLY B 280 7.84 -22.38 -14.02
N TRP B 281 8.75 -22.85 -13.17
CA TRP B 281 8.73 -22.49 -11.76
C TRP B 281 9.24 -21.06 -11.58
N SER B 282 9.00 -20.52 -10.39
CA SER B 282 9.32 -19.13 -10.08
C SER B 282 10.26 -19.05 -8.89
N GLN B 283 10.89 -17.89 -8.74
CA GLN B 283 11.72 -17.62 -7.57
C GLN B 283 10.86 -17.68 -6.31
N PRO B 284 11.41 -18.15 -5.19
CA PRO B 284 10.63 -18.24 -3.97
C PRO B 284 10.25 -16.88 -3.42
N SER B 285 9.19 -16.88 -2.61
CA SER B 285 8.71 -15.66 -1.98
C SER B 285 9.62 -15.25 -0.82
N ASP B 286 9.39 -14.05 -0.30
CA ASP B 286 10.11 -13.59 0.88
C ASP B 286 9.72 -14.41 2.10
N THR B 287 10.64 -14.47 3.06
CA THR B 287 10.44 -15.31 4.24
C THR B 287 9.44 -14.64 5.17
N LEU B 288 8.29 -15.29 5.39
CA LEU B 288 7.27 -14.75 6.27
C LEU B 288 7.21 -15.59 7.55
N GLU B 289 7.44 -14.94 8.69
CA GLU B 289 7.51 -15.64 9.97
C GLU B 289 6.13 -15.71 10.60
N LEU B 290 5.61 -16.93 10.76
CA LEU B 290 4.36 -17.17 11.47
C LEU B 290 4.66 -17.57 12.89
N VAL B 291 4.06 -16.87 13.85
CA VAL B 291 4.31 -17.04 15.27
C VAL B 291 3.04 -17.56 15.92
N VAL B 292 3.19 -18.59 16.76
CA VAL B 292 2.07 -19.18 17.49
C VAL B 292 2.26 -18.86 18.97
N THR B 293 1.34 -18.08 19.53
CA THR B 293 1.29 -17.83 20.96
C THR B 293 0.20 -18.69 21.59
N GLY B 294 0.07 -18.61 22.91
CA GLY B 294 -0.90 -19.38 23.65
C GLY B 294 -0.32 -20.61 24.32
N ILE B 295 0.68 -21.23 23.71
CA ILE B 295 1.33 -22.39 24.34
C ILE B 295 1.99 -21.95 25.64
N TYR B 296 2.34 -22.93 26.47
CA TYR B 296 2.85 -22.68 27.82
C TYR B 296 1.83 -21.86 28.61
N GLU B 297 0.62 -22.40 28.72
CA GLU B 297 -0.55 -21.66 29.18
C GLU B 297 -0.73 -21.70 30.69
N HIS B 298 0.37 -21.78 31.45
CA HIS B 298 0.29 -21.81 32.91
C HIS B 298 0.94 -20.57 33.53
N TYR B 299 2.21 -20.31 33.23
CA TYR B 299 2.93 -19.19 33.83
C TYR B 299 2.79 -17.99 32.91
N LYS B 300 1.70 -17.25 33.09
CA LYS B 300 1.49 -16.04 32.30
C LYS B 300 2.50 -14.98 32.72
N PRO B 301 3.15 -14.30 31.79
CA PRO B 301 4.06 -13.20 32.16
C PRO B 301 3.28 -12.02 32.70
N ARG B 302 4.00 -11.15 33.40
CA ARG B 302 3.41 -9.94 33.96
C ARG B 302 4.24 -8.73 33.52
N LEU B 303 3.54 -7.64 33.20
CA LEU B 303 4.14 -6.45 32.62
C LEU B 303 3.86 -5.25 33.50
N SER B 304 4.90 -4.50 33.84
CA SER B 304 4.78 -3.24 34.57
C SER B 304 5.53 -2.15 33.82
N VAL B 305 5.29 -0.90 34.22
CA VAL B 305 5.84 0.26 33.54
C VAL B 305 6.38 1.22 34.59
N LEU B 306 7.53 1.83 34.28
CA LEU B 306 8.16 2.84 35.12
C LEU B 306 8.49 4.07 34.29
N PRO B 307 8.25 5.27 34.83
CA PRO B 307 7.66 5.47 36.16
C PRO B 307 6.13 5.45 36.17
N SER B 308 5.52 5.88 35.07
CA SER B 308 4.07 5.98 34.97
C SER B 308 3.64 5.60 33.56
N PRO B 309 2.45 5.00 33.41
CA PRO B 309 1.95 4.68 32.06
C PRO B 309 1.71 5.91 31.21
N VAL B 310 1.66 7.10 31.79
CA VAL B 310 1.55 8.35 31.05
C VAL B 310 2.79 9.18 31.35
N VAL B 311 3.56 9.49 30.31
CA VAL B 311 4.80 10.25 30.46
C VAL B 311 4.77 11.43 29.50
N THR B 312 5.50 12.48 29.86
CA THR B 312 5.64 13.63 28.99
C THR B 312 6.62 13.34 27.87
N ALA B 313 6.51 14.11 26.79
CA ALA B 313 7.36 13.91 25.62
C ALA B 313 8.78 14.32 25.94
N GLY B 314 9.72 13.39 25.77
CA GLY B 314 11.12 13.64 26.05
C GLY B 314 11.56 13.11 27.40
N GLY B 315 11.07 11.93 27.77
CA GLY B 315 11.47 11.28 29.00
C GLY B 315 12.00 9.88 28.77
N ASN B 316 12.29 9.20 29.88
CA ASN B 316 12.80 7.84 29.85
C ASN B 316 11.75 6.89 30.41
N MET B 317 11.50 5.80 29.69
CA MET B 317 10.46 4.85 30.03
C MET B 317 11.03 3.45 30.07
N THR B 318 10.82 2.75 31.19
CA THR B 318 11.31 1.39 31.38
C THR B 318 10.13 0.44 31.49
N LEU B 319 10.05 -0.51 30.57
CA LEU B 319 9.05 -1.56 30.64
C LEU B 319 9.67 -2.80 31.27
N HIS B 320 8.90 -3.49 32.12
CA HIS B 320 9.40 -4.59 32.93
C HIS B 320 8.52 -5.80 32.67
N CYS B 321 9.04 -6.78 31.94
CA CYS B 321 8.34 -8.03 31.69
C CYS B 321 9.00 -9.12 32.53
N ALA B 322 8.24 -9.71 33.44
CA ALA B 322 8.79 -10.67 34.39
C ALA B 322 7.91 -11.91 34.46
N SER B 323 8.50 -13.00 34.92
CA SER B 323 7.76 -14.25 35.07
C SER B 323 8.47 -15.15 36.06
N ASP B 324 7.69 -15.95 36.78
CA ASP B 324 8.25 -16.93 37.71
C ASP B 324 8.87 -18.13 37.00
N PHE B 325 8.67 -18.26 35.69
CA PHE B 325 9.08 -19.44 34.95
C PHE B 325 10.34 -19.14 34.14
N HIS B 326 11.12 -20.20 33.88
CA HIS B 326 12.42 -20.07 33.21
C HIS B 326 12.20 -19.99 31.70
N TYR B 327 11.87 -18.79 31.25
CA TYR B 327 11.86 -18.49 29.82
C TYR B 327 13.24 -18.03 29.37
N ASP B 328 13.47 -18.05 28.07
CA ASP B 328 14.74 -17.63 27.52
C ASP B 328 14.75 -16.15 27.12
N LYS B 329 13.71 -15.70 26.43
CA LYS B 329 13.64 -14.32 25.98
C LYS B 329 12.20 -13.82 26.06
N PHE B 330 12.07 -12.49 26.05
CA PHE B 330 10.79 -11.81 26.02
C PHE B 330 10.75 -10.85 24.84
N ILE B 331 9.53 -10.62 24.33
CA ILE B 331 9.31 -9.77 23.17
C ILE B 331 8.10 -8.88 23.42
N LEU B 332 8.21 -7.61 23.05
CA LEU B 332 7.13 -6.64 23.17
C LEU B 332 6.36 -6.54 21.86
N THR B 333 5.05 -6.39 21.97
CA THR B 333 4.16 -6.23 20.81
C THR B 333 3.27 -5.02 21.04
N LYS B 334 3.35 -4.05 20.13
CA LYS B 334 2.39 -2.95 20.08
C LYS B 334 1.16 -3.38 19.28
N GLU B 335 -0.01 -3.05 19.80
CA GLU B 335 -1.29 -3.49 19.22
C GLU B 335 -1.23 -5.01 19.16
N ASP B 336 -1.43 -5.64 18.00
CA ASP B 336 -1.10 -7.05 17.81
C ASP B 336 0.08 -7.22 16.86
N LYS B 337 0.84 -6.16 16.63
CA LYS B 337 1.95 -6.14 15.70
C LYS B 337 3.28 -6.13 16.45
N LYS B 338 4.36 -6.26 15.70
CA LYS B 338 5.70 -6.32 16.27
C LYS B 338 6.24 -4.92 16.56
N PHE B 339 7.19 -4.87 17.49
CA PHE B 339 7.93 -3.65 17.78
C PHE B 339 9.16 -4.01 18.62
N GLY B 340 10.26 -3.31 18.39
CA GLY B 340 11.47 -3.54 19.14
C GLY B 340 12.19 -4.80 18.72
N ASN B 341 12.69 -5.56 19.70
CA ASN B 341 13.34 -6.83 19.43
C ASN B 341 13.43 -7.60 20.74
N SER B 342 13.87 -8.85 20.65
CA SER B 342 13.94 -9.73 21.80
C SER B 342 15.11 -9.37 22.71
N LEU B 343 14.93 -9.63 24.00
CA LEU B 343 15.97 -9.41 24.99
C LEU B 343 16.08 -10.62 25.91
N ASP B 344 17.28 -10.83 26.45
CA ASP B 344 17.54 -12.01 27.26
C ASP B 344 16.88 -11.89 28.63
N THR B 345 16.46 -13.04 29.16
CA THR B 345 15.96 -13.10 30.52
C THR B 345 17.10 -13.04 31.52
N GLU B 346 16.77 -12.69 32.76
CA GLU B 346 17.77 -12.51 33.81
C GLU B 346 17.22 -13.07 35.11
N HIS B 347 17.85 -14.12 35.62
CA HIS B 347 17.44 -14.74 36.87
C HIS B 347 17.87 -13.87 38.05
N ILE B 348 16.91 -13.32 38.77
CA ILE B 348 17.19 -12.51 39.94
C ILE B 348 17.18 -13.39 41.18
N SER B 349 18.13 -13.16 42.07
CA SER B 349 18.30 -14.03 43.24
C SER B 349 17.23 -13.77 44.30
N SER B 350 16.91 -12.49 44.55
CA SER B 350 16.07 -12.15 45.69
C SER B 350 14.59 -12.38 45.41
N SER B 351 14.10 -11.97 44.24
CA SER B 351 12.67 -11.93 43.97
C SER B 351 12.14 -13.20 43.30
N ARG B 352 12.98 -14.23 43.15
CA ARG B 352 12.56 -15.51 42.57
C ARG B 352 12.00 -15.34 41.15
N GLN B 353 12.44 -14.29 40.45
CA GLN B 353 11.83 -13.92 39.19
C GLN B 353 12.84 -14.00 38.05
N TYR B 354 12.30 -14.10 36.84
CA TYR B 354 13.04 -13.95 35.60
C TYR B 354 12.60 -12.63 34.97
N ARG B 355 13.54 -11.72 34.76
CA ARG B 355 13.27 -10.32 34.49
C ARG B 355 13.69 -9.94 33.08
N ALA B 356 13.03 -8.92 32.53
CA ALA B 356 13.43 -8.32 31.26
C ALA B 356 13.11 -6.84 31.30
N LEU B 357 14.12 -6.03 30.97
CA LEU B 357 14.07 -4.58 31.11
C LEU B 357 14.19 -3.95 29.73
N PHE B 358 13.09 -3.39 29.24
CA PHE B 358 13.04 -2.75 27.93
C PHE B 358 13.16 -1.24 28.11
N ILE B 359 14.22 -0.65 27.55
CA ILE B 359 14.52 0.77 27.70
C ILE B 359 14.00 1.51 26.47
N ILE B 360 13.30 2.62 26.69
CA ILE B 360 12.89 3.51 25.61
C ILE B 360 13.15 4.94 26.04
N GLY B 361 14.04 5.62 25.34
CA GLY B 361 14.35 7.01 25.61
C GLY B 361 15.07 7.67 24.46
N PRO B 362 14.53 8.80 23.97
CA PRO B 362 13.36 9.51 24.51
C PRO B 362 12.03 8.90 24.11
N THR B 363 10.94 9.44 24.67
CA THR B 363 9.59 8.93 24.43
C THR B 363 8.95 9.77 23.34
N THR B 364 8.89 9.22 22.13
CA THR B 364 8.26 9.87 20.99
C THR B 364 6.75 9.66 21.03
N PRO B 365 5.97 10.59 20.44
CA PRO B 365 4.51 10.44 20.44
C PRO B 365 4.02 9.16 19.76
N THR B 366 4.86 8.47 19.00
CA THR B 366 4.46 7.23 18.34
C THR B 366 4.40 6.05 19.30
N HIS B 367 4.94 6.18 20.51
CA HIS B 367 4.91 5.09 21.48
C HIS B 367 3.55 4.90 22.13
N THR B 368 2.62 5.83 21.95
CA THR B 368 1.29 5.69 22.52
C THR B 368 0.56 4.52 21.89
N GLY B 369 0.24 3.51 22.71
CA GLY B 369 -0.40 2.31 22.19
C GLY B 369 -0.74 1.27 23.24
N THR B 370 -0.82 0.01 22.81
CA THR B 370 -1.24 -1.10 23.67
C THR B 370 -0.16 -2.18 23.59
N PHE B 371 0.66 -2.29 24.62
CA PHE B 371 1.80 -3.19 24.63
C PHE B 371 1.47 -4.47 25.40
N ARG B 372 1.91 -5.60 24.84
CA ARG B 372 1.82 -6.92 25.47
C ARG B 372 3.15 -7.63 25.29
N CYS B 373 3.66 -8.25 26.35
CA CYS B 373 4.94 -8.96 26.27
C CYS B 373 4.71 -10.46 26.34
N TYR B 374 5.47 -11.19 25.50
CA TYR B 374 5.43 -12.63 25.42
C TYR B 374 6.79 -13.21 25.76
N GLY B 375 6.81 -14.49 26.13
CA GLY B 375 8.04 -15.18 26.45
C GLY B 375 8.21 -16.42 25.59
N TYR B 376 9.46 -16.73 25.26
CA TYR B 376 9.74 -17.87 24.37
C TYR B 376 11.16 -18.35 24.61
N PHE B 377 11.53 -19.41 23.91
CA PHE B 377 12.82 -20.07 24.06
C PHE B 377 13.64 -19.92 22.79
N LYS B 378 14.96 -20.09 22.95
CA LYS B 378 15.87 -19.89 21.83
C LYS B 378 15.68 -20.94 20.75
N ASN B 379 15.55 -22.21 21.14
CA ASN B 379 15.46 -23.30 20.17
C ASN B 379 14.09 -23.38 19.49
N ALA B 380 13.10 -22.63 19.97
CA ALA B 380 11.78 -22.55 19.34
C ALA B 380 11.41 -21.08 19.25
N PRO B 381 11.98 -20.34 18.29
CA PRO B 381 11.76 -18.89 18.24
C PRO B 381 10.34 -18.48 17.86
N GLN B 382 9.51 -19.40 17.37
CA GLN B 382 8.16 -19.07 16.93
C GLN B 382 7.09 -19.54 17.92
N LEU B 383 7.47 -20.23 18.99
CA LEU B 383 6.52 -20.76 19.96
C LEU B 383 6.56 -19.87 21.19
N TRP B 384 5.50 -19.09 21.40
CA TRP B 384 5.45 -18.07 22.44
C TRP B 384 4.51 -18.47 23.56
N SER B 385 4.56 -17.69 24.63
CA SER B 385 3.74 -17.93 25.81
C SER B 385 2.39 -17.22 25.66
N VAL B 386 1.66 -17.10 26.76
CA VAL B 386 0.36 -16.43 26.78
C VAL B 386 0.59 -14.92 26.80
N PRO B 387 -0.23 -14.12 26.13
CA PRO B 387 -0.11 -12.68 26.26
C PRO B 387 -0.39 -12.23 27.69
N SER B 388 0.49 -11.38 28.22
CA SER B 388 0.27 -10.81 29.54
C SER B 388 -0.95 -9.89 29.51
N ASP B 389 -1.49 -9.62 30.68
CA ASP B 389 -2.55 -8.63 30.79
C ASP B 389 -2.02 -7.27 30.30
N LEU B 390 -2.68 -6.72 29.29
CA LEU B 390 -2.08 -5.69 28.47
C LEU B 390 -1.79 -4.43 29.28
N GLN B 391 -0.80 -3.67 28.81
CA GLN B 391 -0.44 -2.39 29.41
C GLN B 391 -0.54 -1.31 28.36
N GLN B 392 -1.33 -0.28 28.63
CA GLN B 392 -1.54 0.80 27.68
C GLN B 392 -0.63 1.98 28.02
N ILE B 393 -0.18 2.69 26.99
CA ILE B 393 0.78 3.78 27.13
C ILE B 393 0.23 5.00 26.41
N LEU B 394 0.24 6.14 27.08
CA LEU B 394 -0.15 7.42 26.51
C LEU B 394 0.95 8.44 26.80
N ILE B 395 1.11 9.40 25.90
CA ILE B 395 2.16 10.41 26.02
C ILE B 395 1.55 11.77 25.71
N SER B 396 1.69 12.71 26.64
CA SER B 396 1.16 14.06 26.54
C SER B 396 2.29 15.06 26.33
N GLY B 397 1.97 16.35 26.49
CA GLY B 397 2.99 17.37 26.47
C GLY B 397 2.55 18.78 26.14
N LEU B 398 2.00 18.99 24.95
CA LEU B 398 1.83 20.34 24.41
C LEU B 398 0.41 20.53 23.89
N SER B 399 -0.38 21.32 24.63
CA SER B 399 -1.68 21.87 24.24
C SER B 399 -2.36 22.46 25.47
N LYS B 400 -3.59 22.93 25.32
CA LYS B 400 -4.33 23.46 26.46
C LYS B 400 -4.80 22.31 27.36
N LYS B 401 -4.77 22.57 28.67
CA LYS B 401 -5.12 21.55 29.65
C LYS B 401 -6.63 21.37 29.72
N PRO B 402 -7.14 20.15 29.58
CA PRO B 402 -8.58 19.93 29.70
C PRO B 402 -9.03 19.73 31.15
N SER B 403 -9.59 20.77 31.75
CA SER B 403 -9.98 20.72 33.14
C SER B 403 -11.12 19.71 33.35
N LEU B 404 -11.22 19.22 34.57
CA LEU B 404 -12.19 18.19 34.94
C LEU B 404 -13.35 18.82 35.72
N LEU B 405 -14.56 18.37 35.41
CA LEU B 405 -15.75 18.86 36.11
C LEU B 405 -15.88 18.24 37.50
N THR B 406 -15.57 16.94 37.62
CA THR B 406 -15.52 16.25 38.92
C THR B 406 -16.84 16.37 39.67
N HIS B 407 -17.95 16.27 38.95
CA HIS B 407 -19.26 16.48 39.53
C HIS B 407 -19.60 15.33 40.48
N GLN B 408 -20.84 15.33 40.99
CA GLN B 408 -21.27 14.41 42.04
C GLN B 408 -20.43 14.55 43.31
N GLY B 409 -19.99 15.77 43.60
CA GLY B 409 -19.24 16.05 44.81
C GLY B 409 -17.76 15.75 44.69
N HIS B 410 -17.05 16.09 45.76
CA HIS B 410 -15.61 15.89 45.85
C HIS B 410 -15.24 14.74 46.78
N ILE B 411 -16.08 14.44 47.77
CA ILE B 411 -15.87 13.34 48.70
C ILE B 411 -17.05 12.40 48.57
N LEU B 412 -16.79 11.11 48.63
CA LEU B 412 -17.78 10.10 48.33
C LEU B 412 -17.83 9.04 49.43
N ASP B 413 -18.99 8.43 49.55
CA ASP B 413 -19.36 7.28 50.35
C ASP B 413 -19.04 6.03 49.57
N PRO B 414 -18.90 4.88 50.23
CA PRO B 414 -18.58 3.66 49.47
C PRO B 414 -19.57 3.33 48.37
N GLY B 415 -20.86 3.25 48.65
CA GLY B 415 -21.73 2.65 47.66
C GLY B 415 -22.48 3.60 46.74
N MET B 416 -21.79 4.62 46.22
CA MET B 416 -22.40 5.57 45.30
C MET B 416 -21.76 5.48 43.91
N THR B 417 -22.55 5.83 42.90
CA THR B 417 -22.08 5.84 41.51
C THR B 417 -21.37 7.16 41.21
N LEU B 418 -20.08 7.07 40.89
CA LEU B 418 -19.27 8.24 40.58
C LEU B 418 -19.13 8.40 39.06
N THR B 419 -19.23 9.63 38.60
CA THR B 419 -18.97 9.98 37.21
C THR B 419 -17.98 11.14 37.18
N LEU B 420 -17.13 11.13 36.16
CA LEU B 420 -16.15 12.19 35.93
C LEU B 420 -16.38 12.77 34.54
N GLN B 421 -16.61 14.08 34.49
CA GLN B 421 -16.81 14.78 33.23
C GLN B 421 -15.56 15.60 32.93
N CYS B 422 -15.09 15.53 31.68
CA CYS B 422 -13.87 16.21 31.27
C CYS B 422 -14.18 17.14 30.11
N TYR B 423 -13.85 18.43 30.28
CA TYR B 423 -14.16 19.44 29.28
C TYR B 423 -12.89 20.19 28.90
N SER B 424 -12.98 20.93 27.78
CA SER B 424 -11.87 21.76 27.33
C SER B 424 -12.41 22.80 26.36
N ASP B 425 -11.64 23.88 26.20
CA ASP B 425 -12.04 24.93 25.27
C ASP B 425 -11.90 24.48 23.82
N ILE B 426 -10.77 23.84 23.50
CA ILE B 426 -10.54 23.37 22.13
C ILE B 426 -11.42 22.16 21.87
N ASN B 427 -12.02 22.11 20.68
CA ASN B 427 -12.92 21.03 20.29
C ASN B 427 -12.10 19.78 20.00
N TYR B 428 -11.68 19.11 21.07
CA TYR B 428 -11.01 17.82 20.93
C TYR B 428 -12.02 16.74 20.57
N ASP B 429 -11.58 15.77 19.78
CA ASP B 429 -12.45 14.70 19.33
C ASP B 429 -12.39 13.45 20.21
N ARG B 430 -11.47 13.42 21.19
CA ARG B 430 -11.25 12.22 21.99
C ARG B 430 -10.64 12.63 23.33
N PHE B 431 -11.11 12.00 24.40
CA PHE B 431 -10.63 12.30 25.75
C PHE B 431 -10.17 11.01 26.42
N ALA B 432 -9.27 11.17 27.39
CA ALA B 432 -8.67 10.05 28.10
C ALA B 432 -8.57 10.40 29.59
N LEU B 433 -8.76 9.38 30.43
CA LEU B 433 -8.75 9.52 31.87
C LEU B 433 -7.78 8.50 32.47
N HIS B 434 -7.07 8.92 33.52
CA HIS B 434 -6.10 8.03 34.16
C HIS B 434 -5.95 8.38 35.63
N LYS B 435 -5.78 7.36 36.46
CA LYS B 435 -5.60 7.54 37.90
C LYS B 435 -4.13 7.41 38.26
N VAL B 436 -3.63 8.34 39.06
CA VAL B 436 -2.22 8.33 39.44
C VAL B 436 -1.94 7.09 40.28
N GLY B 437 -0.80 6.44 40.00
CA GLY B 437 -0.44 5.21 40.67
C GLY B 437 -1.15 3.98 40.15
N GLY B 438 -1.81 4.08 38.99
CA GLY B 438 -2.52 2.96 38.40
C GLY B 438 -1.87 2.48 37.12
N ALA B 439 -2.52 1.47 36.52
CA ALA B 439 -2.05 0.87 35.29
C ALA B 439 -3.08 0.88 34.17
N ASP B 440 -4.32 1.26 34.44
CA ASP B 440 -5.38 1.28 33.44
C ASP B 440 -5.66 2.70 33.00
N ILE B 441 -5.89 2.87 31.69
CA ILE B 441 -6.25 4.15 31.09
C ILE B 441 -7.56 3.96 30.34
N MET B 442 -8.40 4.99 30.36
CA MET B 442 -9.69 4.93 29.69
C MET B 442 -9.77 6.01 28.62
N GLN B 443 -10.43 5.69 27.50
CA GLN B 443 -10.57 6.63 26.40
C GLN B 443 -12.00 6.60 25.88
N HIS B 444 -12.49 7.76 25.44
CA HIS B 444 -13.82 7.83 24.87
C HIS B 444 -13.93 9.01 23.91
N SER B 445 -14.82 8.88 22.94
CA SER B 445 -15.04 9.91 21.94
C SER B 445 -15.96 10.99 22.51
N SER B 446 -15.57 12.25 22.34
CA SER B 446 -16.31 13.36 22.90
C SER B 446 -17.57 13.64 22.10
N GLN B 447 -18.59 14.14 22.80
CA GLN B 447 -19.84 14.57 22.18
C GLN B 447 -19.89 16.09 22.11
N GLN B 448 -20.64 16.59 21.14
CA GLN B 448 -20.74 18.03 20.90
C GLN B 448 -21.92 18.59 21.68
N THR B 449 -21.62 19.47 22.64
CA THR B 449 -22.64 20.05 23.50
C THR B 449 -23.27 21.27 22.84
N ASP B 450 -24.30 21.82 23.49
CA ASP B 450 -24.97 23.02 23.00
C ASP B 450 -24.15 24.28 23.22
N THR B 451 -23.20 24.26 24.16
CA THR B 451 -22.43 25.47 24.46
C THR B 451 -21.47 25.81 23.32
N GLY B 452 -20.85 24.81 22.72
CA GLY B 452 -19.95 25.06 21.62
C GLY B 452 -18.57 24.44 21.78
N PHE B 453 -18.49 23.33 22.51
CA PHE B 453 -17.24 22.59 22.64
C PHE B 453 -17.58 21.15 23.02
N SER B 454 -16.55 20.36 23.26
CA SER B 454 -16.69 18.92 23.45
C SER B 454 -16.43 18.55 24.90
N VAL B 455 -17.25 17.65 25.43
CA VAL B 455 -17.13 17.16 26.80
C VAL B 455 -17.27 15.65 26.79
N ALA B 456 -16.60 14.99 27.74
CA ALA B 456 -16.59 13.54 27.84
C ALA B 456 -17.16 13.08 29.19
N ASN B 457 -18.09 12.12 29.14
CA ASN B 457 -18.69 11.50 30.31
C ASN B 457 -17.99 10.17 30.57
N PHE B 458 -17.43 10.00 31.78
CA PHE B 458 -16.77 8.76 32.19
C PHE B 458 -17.52 8.21 33.38
N THR B 459 -17.99 6.96 33.25
CA THR B 459 -18.80 6.32 34.27
C THR B 459 -17.96 5.29 35.02
N LEU B 460 -17.71 5.55 36.30
CA LEU B 460 -17.08 4.55 37.15
C LEU B 460 -18.14 3.71 37.83
N GLY B 461 -17.72 2.55 38.33
CA GLY B 461 -18.62 1.60 38.95
C GLY B 461 -18.88 1.90 40.41
N TYR B 462 -19.14 0.85 41.17
CA TYR B 462 -19.27 0.94 42.62
C TYR B 462 -18.02 1.57 43.20
N VAL B 463 -18.18 2.68 43.91
CA VAL B 463 -17.04 3.31 44.57
C VAL B 463 -16.52 2.36 45.62
N SER B 464 -15.25 2.01 45.53
CA SER B 464 -14.72 1.05 46.48
C SER B 464 -13.55 1.66 47.25
N SER B 465 -12.89 0.83 48.04
CA SER B 465 -11.71 1.30 48.76
C SER B 465 -10.64 1.78 47.79
N SER B 466 -10.59 1.21 46.59
CA SER B 466 -9.54 1.51 45.62
C SER B 466 -9.81 2.77 44.81
N THR B 467 -11.05 3.25 44.75
CA THR B 467 -11.39 4.36 43.87
C THR B 467 -10.85 5.70 44.37
N GLY B 468 -10.34 5.76 45.60
CA GLY B 468 -9.81 7.01 46.12
C GLY B 468 -8.37 7.22 45.68
N GLY B 469 -8.11 8.37 45.08
CA GLY B 469 -6.77 8.71 44.61
C GLY B 469 -6.67 10.01 43.85
N GLN B 470 -5.74 10.06 42.91
CA GLN B 470 -5.47 11.26 42.11
C GLN B 470 -5.74 10.93 40.65
N TYR B 471 -6.53 11.79 39.99
CA TYR B 471 -6.98 11.56 38.64
C TYR B 471 -6.57 12.71 37.72
N ARG B 472 -6.32 12.38 36.45
CA ARG B 472 -5.96 13.37 35.44
C ARG B 472 -6.63 13.01 34.12
N CYS B 473 -6.82 14.04 33.29
CA CYS B 473 -7.51 13.90 32.01
C CYS B 473 -6.66 14.51 30.91
N TYR B 474 -6.88 14.01 29.69
CA TYR B 474 -6.13 14.41 28.51
C TYR B 474 -7.09 14.48 27.32
N GLY B 475 -6.71 15.26 26.33
CA GLY B 475 -7.55 15.42 25.14
C GLY B 475 -6.71 15.44 23.89
N ALA B 476 -7.32 14.98 22.80
CA ALA B 476 -6.65 14.94 21.50
C ALA B 476 -7.69 14.89 20.39
N HIS B 477 -7.24 15.17 19.18
CA HIS B 477 -8.08 15.13 18.01
C HIS B 477 -8.18 13.71 17.45
N ASN B 478 -8.98 13.57 16.40
CA ASN B 478 -9.14 12.27 15.75
C ASN B 478 -7.87 11.87 15.00
N LEU B 479 -7.32 12.80 14.22
CA LEU B 479 -6.13 12.49 13.42
C LEU B 479 -4.84 12.64 14.22
N SER B 480 -4.83 13.49 15.24
CA SER B 480 -3.60 13.79 15.96
C SER B 480 -3.20 12.62 16.84
N SER B 481 -1.91 12.26 16.80
CA SER B 481 -1.37 11.23 17.66
C SER B 481 -0.70 11.78 18.92
N GLU B 482 -0.51 13.10 18.99
CA GLU B 482 0.09 13.74 20.15
C GLU B 482 -1.01 14.23 21.08
N TRP B 483 -0.92 13.85 22.34
CA TRP B 483 -1.94 14.19 23.33
C TRP B 483 -1.57 15.46 24.10
N SER B 484 -2.59 16.05 24.72
CA SER B 484 -2.46 17.34 25.39
C SER B 484 -2.03 17.16 26.83
N ALA B 485 -1.36 18.18 27.37
CA ALA B 485 -0.99 18.17 28.77
C ALA B 485 -2.22 18.08 29.67
N SER B 486 -2.07 17.41 30.79
CA SER B 486 -3.20 17.14 31.67
C SER B 486 -3.59 18.39 32.45
N SER B 487 -4.78 18.33 33.03
CA SER B 487 -5.24 19.35 33.96
C SER B 487 -4.66 19.09 35.34
N GLU B 488 -4.74 20.11 36.20
CA GLU B 488 -4.23 19.97 37.55
C GLU B 488 -5.09 18.97 38.34
N PRO B 489 -4.49 18.22 39.25
CA PRO B 489 -5.08 16.95 39.68
C PRO B 489 -6.38 17.10 40.44
N LEU B 490 -7.29 16.15 40.21
CA LEU B 490 -8.47 15.96 41.03
C LEU B 490 -8.15 14.94 42.13
N ASP B 491 -8.50 15.28 43.37
CA ASP B 491 -8.29 14.38 44.50
C ASP B 491 -9.64 13.81 44.92
N ILE B 492 -9.83 12.52 44.68
CA ILE B 492 -11.05 11.83 45.10
C ILE B 492 -10.81 11.20 46.45
N LEU B 493 -11.74 11.44 47.38
CA LEU B 493 -11.60 11.00 48.77
C LEU B 493 -12.73 10.04 49.11
N ILE B 494 -12.40 8.99 49.87
CA ILE B 494 -13.35 7.96 50.26
C ILE B 494 -13.48 7.97 51.77
N THR B 495 -14.71 8.01 52.26
CA THR B 495 -15.00 7.97 53.69
C THR B 495 -15.55 6.60 54.06
N GLY B 496 -15.78 6.39 55.34
CA GLY B 496 -16.24 5.10 55.82
C GLY B 496 -15.20 4.00 55.71
N GLN B 497 -13.92 4.36 55.69
CA GLN B 497 -12.82 3.41 55.59
C GLN B 497 -12.09 3.20 56.89
N LEU B 498 -11.78 4.27 57.63
CA LEU B 498 -11.13 4.14 58.93
C LEU B 498 -12.19 3.95 60.01
N PRO B 499 -11.93 3.05 60.97
CA PRO B 499 -12.94 2.79 62.02
C PRO B 499 -13.27 3.99 62.87
N LEU B 500 -12.37 4.96 62.98
CA LEU B 500 -12.56 6.07 63.89
C LEU B 500 -13.66 7.02 63.39
N THR B 501 -14.37 7.62 64.33
CA THR B 501 -15.52 8.48 64.03
C THR B 501 -15.40 9.77 64.83
N PRO B 502 -15.20 10.93 64.19
CA PRO B 502 -15.17 12.19 64.93
C PRO B 502 -16.56 12.83 65.08
N SER B 503 -16.61 13.99 65.73
CA SER B 503 -17.83 14.78 65.84
C SER B 503 -17.44 16.25 65.76
N LEU B 504 -18.44 17.13 65.74
CA LEU B 504 -18.20 18.53 65.42
C LEU B 504 -18.79 19.44 66.50
N SER B 505 -18.31 20.67 66.54
CA SER B 505 -18.86 21.73 67.37
C SER B 505 -18.51 23.08 66.76
N VAL B 506 -19.09 24.14 67.32
CA VAL B 506 -18.77 25.51 66.97
C VAL B 506 -18.61 26.31 68.25
N LYS B 507 -17.99 27.48 68.14
CA LYS B 507 -17.75 28.30 69.32
C LYS B 507 -18.78 29.43 69.45
N PRO B 508 -19.00 30.26 68.43
CA PRO B 508 -19.99 31.33 68.59
C PRO B 508 -21.41 30.80 68.42
N ASN B 509 -22.37 31.73 68.46
CA ASN B 509 -23.77 31.37 68.35
C ASN B 509 -24.08 30.83 66.96
N HIS B 510 -25.24 30.15 66.85
CA HIS B 510 -25.64 29.60 65.56
C HIS B 510 -26.12 30.70 64.62
N THR B 511 -26.86 31.68 65.13
CA THR B 511 -27.45 32.72 64.30
C THR B 511 -26.60 33.99 64.37
N VAL B 512 -25.47 33.94 63.69
CA VAL B 512 -24.55 35.08 63.62
C VAL B 512 -24.91 35.96 62.44
N HIS B 513 -24.57 37.24 62.54
CA HIS B 513 -24.71 38.14 61.41
C HIS B 513 -23.58 37.93 60.40
N SER B 514 -23.74 38.50 59.21
CA SER B 514 -22.86 38.19 58.08
C SER B 514 -21.54 38.95 58.12
N GLY B 515 -21.00 39.19 59.31
CA GLY B 515 -19.70 39.83 59.41
C GLY B 515 -18.88 39.29 60.57
N GLU B 516 -19.32 38.16 61.12
CA GLU B 516 -18.70 37.59 62.30
C GLU B 516 -17.49 36.73 61.92
N THR B 517 -16.87 36.14 62.93
CA THR B 517 -15.83 35.13 62.77
C THR B 517 -16.25 33.87 63.52
N VAL B 518 -16.06 32.71 62.90
CA VAL B 518 -16.57 31.46 63.40
C VAL B 518 -15.45 30.43 63.37
N SER B 519 -14.92 30.07 64.54
CA SER B 519 -13.98 28.97 64.66
C SER B 519 -14.72 27.73 65.13
N LEU B 520 -14.48 26.61 64.45
CA LEU B 520 -15.14 25.35 64.77
C LEU B 520 -14.08 24.28 64.99
N LEU B 521 -14.45 23.26 65.77
CA LEU B 521 -13.47 22.27 66.21
C LEU B 521 -14.05 20.87 66.14
N CYS B 522 -13.22 19.93 65.71
CA CYS B 522 -13.54 18.50 65.78
C CYS B 522 -12.28 17.76 66.22
N TRP B 523 -12.42 16.87 67.20
CA TRP B 523 -11.28 16.08 67.63
C TRP B 523 -11.71 14.65 67.92
N SER B 524 -10.70 13.79 68.07
CA SER B 524 -10.90 12.39 68.43
C SER B 524 -9.82 11.96 69.40
N MET B 525 -10.21 11.17 70.41
CA MET B 525 -9.22 10.69 71.38
C MET B 525 -8.23 9.73 70.73
N ASP B 526 -8.65 9.00 69.71
CA ASP B 526 -7.74 8.13 68.98
C ASP B 526 -6.83 8.95 68.07
N SER B 527 -5.76 8.31 67.62
CA SER B 527 -4.73 9.01 66.84
C SER B 527 -5.29 9.41 65.47
N VAL B 528 -5.24 10.71 65.19
CA VAL B 528 -5.65 11.26 63.90
C VAL B 528 -4.61 12.30 63.49
N ASP B 529 -4.10 12.19 62.27
CA ASP B 529 -3.06 13.10 61.81
C ASP B 529 -3.63 14.40 61.23
N THR B 530 -4.64 14.30 60.36
CA THR B 530 -5.20 15.45 59.70
C THR B 530 -6.73 15.41 59.78
N PHE B 531 -7.33 16.60 59.77
CA PHE B 531 -8.77 16.75 59.77
C PHE B 531 -9.22 17.54 58.55
N ILE B 532 -10.48 17.33 58.16
CA ILE B 532 -11.05 17.90 56.94
C ILE B 532 -12.46 18.38 57.23
N LEU B 533 -12.80 19.55 56.69
CA LEU B 533 -14.13 20.14 56.84
C LEU B 533 -14.89 20.01 55.53
N SER B 534 -16.16 19.63 55.61
CA SER B 534 -16.98 19.38 54.43
C SER B 534 -18.34 20.03 54.57
N LYS B 535 -18.80 20.63 53.47
CA LYS B 535 -20.10 21.28 53.37
C LYS B 535 -20.98 20.50 52.40
N GLU B 536 -22.29 20.53 52.63
CA GLU B 536 -23.23 19.86 51.74
C GLU B 536 -23.19 20.50 50.36
N GLY B 537 -22.80 19.72 49.36
CA GLY B 537 -22.65 20.25 48.01
C GLY B 537 -21.49 21.20 47.85
N SER B 538 -20.36 20.90 48.49
CA SER B 538 -19.19 21.77 48.45
C SER B 538 -18.54 21.67 47.07
N ALA B 539 -18.72 22.73 46.26
CA ALA B 539 -18.11 22.74 44.93
C ALA B 539 -16.59 22.86 44.97
N GLN B 540 -16.03 23.39 46.05
CA GLN B 540 -14.59 23.60 46.14
C GLN B 540 -13.91 22.45 46.87
N GLN B 541 -12.58 22.41 46.73
CA GLN B 541 -11.77 21.45 47.46
C GLN B 541 -11.81 21.79 48.96
N PRO B 542 -12.03 20.79 49.82
CA PRO B 542 -12.06 21.07 51.26
C PRO B 542 -10.68 21.36 51.81
N LEU B 543 -10.65 22.12 52.91
CA LEU B 543 -9.41 22.45 53.59
C LEU B 543 -9.00 21.31 54.51
N ARG B 544 -7.72 20.92 54.42
CA ARG B 544 -7.17 19.84 55.23
C ARG B 544 -6.12 20.42 56.18
N LEU B 545 -6.27 20.16 57.47
CA LEU B 545 -5.43 20.80 58.48
C LEU B 545 -4.75 19.74 59.36
N LYS B 546 -3.54 20.06 59.82
CA LYS B 546 -2.84 19.15 60.71
C LYS B 546 -3.38 19.26 62.14
N SER B 547 -3.00 18.27 62.95
CA SER B 547 -3.55 18.09 64.29
C SER B 547 -2.44 18.10 65.33
N LYS B 548 -2.54 19.03 66.28
CA LYS B 548 -1.74 19.01 67.50
C LYS B 548 -2.63 18.58 68.67
N SER B 549 -2.08 17.73 69.54
CA SER B 549 -2.85 17.10 70.61
C SER B 549 -2.75 17.95 71.87
N HIS B 550 -3.88 18.54 72.28
CA HIS B 550 -3.96 19.24 73.56
C HIS B 550 -3.73 18.27 74.70
N ASP B 551 -4.67 17.35 74.91
CA ASP B 551 -4.45 16.22 75.80
C ASP B 551 -3.97 15.03 74.99
N GLN B 552 -4.49 13.84 75.29
CA GLN B 552 -4.28 12.70 74.40
C GLN B 552 -5.17 12.77 73.16
N GLN B 553 -6.11 13.69 73.12
CA GLN B 553 -6.99 13.85 71.97
C GLN B 553 -6.29 14.66 70.88
N SER B 554 -6.56 14.30 69.64
CA SER B 554 -6.03 15.01 68.47
C SER B 554 -7.14 15.86 67.86
N GLN B 555 -6.85 17.16 67.69
CA GLN B 555 -7.83 18.17 67.32
C GLN B 555 -7.30 19.03 66.19
N ALA B 556 -8.18 19.92 65.70
CA ALA B 556 -7.80 20.88 64.66
C ALA B 556 -8.88 21.96 64.59
N GLU B 557 -8.47 23.22 64.78
CA GLU B 557 -9.39 24.35 64.67
C GLU B 557 -9.51 24.80 63.22
N PHE B 558 -10.74 25.05 62.79
CA PHE B 558 -11.03 25.62 61.48
C PHE B 558 -11.60 27.02 61.70
N SER B 559 -10.81 28.03 61.35
CA SER B 559 -11.23 29.42 61.49
C SER B 559 -11.95 29.88 60.23
N MET B 560 -12.95 30.73 60.42
CA MET B 560 -13.70 31.34 59.32
C MET B 560 -13.64 32.86 59.48
N SER B 561 -13.13 33.55 58.48
CA SER B 561 -13.00 34.99 58.48
C SER B 561 -13.89 35.60 57.41
N ALA B 562 -14.60 36.67 57.78
CA ALA B 562 -15.50 37.40 56.88
C ALA B 562 -16.56 36.46 56.29
N VAL B 563 -17.37 35.90 57.18
CA VAL B 563 -18.42 34.99 56.73
C VAL B 563 -19.51 35.79 56.00
N THR B 564 -20.24 35.07 55.14
CA THR B 564 -21.29 35.68 54.32
C THR B 564 -22.52 34.78 54.30
N SER B 565 -23.63 35.36 53.85
CA SER B 565 -24.88 34.61 53.75
C SER B 565 -24.87 33.63 52.58
N HIS B 566 -23.99 33.83 51.61
CA HIS B 566 -23.84 32.85 50.54
C HIS B 566 -23.44 31.48 51.08
N LEU B 567 -22.50 31.45 52.03
CA LEU B 567 -22.16 30.24 52.75
C LEU B 567 -23.26 29.86 53.75
N SER B 568 -24.19 29.00 53.33
CA SER B 568 -25.26 28.56 54.22
C SER B 568 -24.69 28.01 55.52
N GLY B 569 -23.69 27.14 55.43
CA GLY B 569 -23.00 26.67 56.61
C GLY B 569 -21.99 25.59 56.24
N THR B 570 -21.25 25.18 57.26
CA THR B 570 -20.33 24.04 57.18
C THR B 570 -20.87 22.94 58.09
N TYR B 571 -20.89 21.71 57.60
CA TYR B 571 -21.71 20.66 58.18
C TYR B 571 -20.92 19.57 58.88
N ARG B 572 -19.98 18.92 58.20
CA ARG B 572 -19.37 17.72 58.76
C ARG B 572 -17.85 17.80 58.76
N CYS B 573 -17.25 16.92 59.55
CA CYS B 573 -15.79 16.84 59.71
C CYS B 573 -15.34 15.39 59.58
N TYR B 574 -14.24 15.18 58.87
CA TYR B 574 -13.64 13.87 58.65
C TYR B 574 -12.19 13.90 59.13
N GLY B 575 -11.62 12.70 59.25
CA GLY B 575 -10.24 12.55 59.67
C GLY B 575 -9.45 11.69 58.69
N ALA B 576 -8.13 11.76 58.82
CA ALA B 576 -7.23 10.99 57.98
C ALA B 576 -5.87 10.94 58.67
N GLN B 577 -5.00 10.09 58.14
CA GLN B 577 -3.66 9.87 58.69
C GLN B 577 -2.61 10.07 57.60
N ASN B 578 -1.36 10.18 58.03
CA ASN B 578 -0.24 10.21 57.09
C ASN B 578 -0.03 8.86 56.43
N SER B 579 -0.47 7.77 57.06
CA SER B 579 -0.35 6.44 56.46
C SER B 579 -1.06 6.38 55.11
N SER B 580 -2.26 6.96 55.03
CA SER B 580 -3.03 7.01 53.79
C SER B 580 -3.59 8.42 53.66
N PHE B 581 -3.08 9.19 52.69
CA PHE B 581 -3.43 10.59 52.59
C PHE B 581 -4.83 10.82 52.04
N TYR B 582 -5.38 9.89 51.27
CA TYR B 582 -6.66 10.11 50.60
C TYR B 582 -7.77 9.21 51.12
N LEU B 583 -7.52 8.40 52.14
CA LEU B 583 -8.52 7.52 52.71
C LEU B 583 -9.02 8.12 54.02
N LEU B 584 -10.29 8.49 54.05
CA LEU B 584 -10.86 9.25 55.16
C LEU B 584 -11.55 8.32 56.16
N SER B 585 -11.85 8.89 57.34
CA SER B 585 -12.55 8.18 58.39
C SER B 585 -14.06 8.27 58.14
N SER B 586 -14.85 7.92 59.15
CA SER B 586 -16.30 8.00 59.03
C SER B 586 -16.78 9.42 59.29
N ALA B 587 -18.08 9.63 59.07
CA ALA B 587 -18.67 10.97 59.15
C ALA B 587 -18.82 11.40 60.60
N SER B 588 -19.27 12.65 60.78
CA SER B 588 -19.43 13.25 62.10
C SER B 588 -20.85 13.78 62.25
N ALA B 589 -21.15 14.26 63.45
CA ALA B 589 -22.47 14.79 63.72
C ALA B 589 -22.70 16.08 62.93
N PRO B 590 -23.79 16.19 62.18
CA PRO B 590 -24.02 17.41 61.40
C PRO B 590 -24.38 18.59 62.28
N VAL B 591 -24.02 19.79 61.81
CA VAL B 591 -24.29 21.04 62.50
C VAL B 591 -24.66 22.09 61.47
N GLU B 592 -25.89 22.60 61.55
CA GLU B 592 -26.36 23.65 60.64
C GLU B 592 -26.02 25.03 61.20
N LEU B 593 -25.49 25.89 60.35
CA LEU B 593 -25.23 27.28 60.68
C LEU B 593 -26.15 28.19 59.86
N THR B 594 -26.24 29.44 60.31
CA THR B 594 -27.09 30.42 59.65
C THR B 594 -26.35 31.74 59.52
N VAL B 595 -26.66 32.46 58.44
CA VAL B 595 -26.04 33.74 58.17
C VAL B 595 -27.08 34.73 57.65
N SER B 596 -27.22 35.86 58.32
CA SER B 596 -28.11 36.91 57.91
C SER B 596 -27.31 38.09 57.35
N GLY B 597 -27.63 38.52 56.13
CA GLY B 597 -27.03 39.72 55.57
C GLY B 597 -26.67 39.68 54.09
#